data_7MGO
#
_entry.id   7MGO
#
_cell.length_a   87.093
_cell.length_b   60.209
_cell.length_c   104.978
_cell.angle_alpha   90.00
_cell.angle_beta   100.47
_cell.angle_gamma   90.00
#
_symmetry.space_group_name_H-M   'P 1 21 1'
#
loop_
_entity.id
_entity.type
_entity.pdbx_description
1 polymer '2-oxopropyl-CoM reductase, carboxylating'
2 non-polymer 'DIHYDROFLAVINE-ADENINE DINUCLEOTIDE'
3 non-polymer '1-THIOETHANESULFONIC ACID'
4 non-polymer 'MAGNESIUM ION'
5 water water
#
_entity_poly.entity_id   1
_entity_poly.type   'polypeptide(L)'
_entity_poly.pdbx_seq_one_letter_code
;MKVWNARNDHLTINQWATRIDEILEAPDGGEVIYNVDENDPREYDAIFIGGGAAGRFGSAYLRAMGGRQLIVDRWPFLGG
SCPHNACVPHHLFSDCAAELMLARTFSGQYWFPDMTEKVVGIKEVVDLFRAGRNGPHGIMNFQSKEQLNLEYILNCPAKV
IDNHTVEAAGKVFKAKNLILAVGAGPGTLDVPGVNAKGVFDHATLVEELDYEPGSTVVVVGGSKTAVEYGCFFNATGRRT
VMLVRTEPLKLIKDNETRAYVLDRMKEQGMEIISGSNVTRIEEDANGRVQAVVAMTPNGEMRIETDFVFLGLGEQPRSAE
LAKILGLDLGPKGEVLVNEYLQTSVPNVYAVGDLIGGPMEMFKARKSGCYAARNVMGEKISYTPKNYPDFLHTHYEVSFL
GMGEEEARAAGHEIVTIKMPPDTENGLNVALPASDRTMLYAFGKGTAHMSGFQKIVIDAKTRKVLGAHHVGYGAKDAFQY
LNVLIKQGLTVDELGDMDELHLNPTHFIQLSRLRAGSKNLVSL
;
_entity_poly.pdbx_strand_id   A,B
#
loop_
_chem_comp.id
_chem_comp.type
_chem_comp.name
_chem_comp.formula
COM non-polymer '1-THIOETHANESULFONIC ACID' 'C2 H6 O3 S2'
FDA non-polymer 'DIHYDROFLAVINE-ADENINE DINUCLEOTIDE' 'C27 H35 N9 O15 P2'
MG non-polymer 'MAGNESIUM ION' 'Mg 2'
#
# COMPACT_ATOMS: atom_id res chain seq x y z
N TRP A 4 1.25 34.30 -27.83
CA TRP A 4 -0.21 34.05 -27.74
C TRP A 4 -0.73 34.53 -26.37
N ASN A 5 -1.65 35.49 -26.37
CA ASN A 5 -2.23 36.03 -25.12
C ASN A 5 -3.38 35.13 -24.65
N ALA A 6 -3.09 34.19 -23.73
CA ALA A 6 -4.10 33.26 -23.21
C ALA A 6 -4.52 33.70 -21.80
N ARG A 7 -4.39 34.99 -21.49
CA ARG A 7 -4.75 35.53 -20.17
C ARG A 7 -6.27 35.45 -19.98
N ASN A 8 -7.03 35.84 -21.01
CA ASN A 8 -8.52 35.81 -20.94
C ASN A 8 -9.03 34.54 -21.62
N ASP A 9 -8.11 33.61 -21.94
CA ASP A 9 -8.49 32.33 -22.60
C ASP A 9 -8.62 31.24 -21.54
N HIS A 10 -9.84 30.71 -21.36
CA HIS A 10 -10.10 29.63 -20.37
C HIS A 10 -10.28 28.29 -21.09
N LEU A 11 -9.19 27.54 -21.25
CA LEU A 11 -9.23 26.22 -21.93
C LEU A 11 -9.32 25.10 -20.89
N THR A 12 -9.85 23.95 -21.28
CA THR A 12 -9.98 22.80 -20.38
C THR A 12 -8.65 22.06 -20.28
N ILE A 13 -8.61 21.13 -19.32
CA ILE A 13 -7.45 20.26 -19.17
C ILE A 13 -7.08 19.59 -20.49
N ASN A 14 -8.06 19.00 -21.16
CA ASN A 14 -7.77 18.26 -22.38
C ASN A 14 -7.49 19.17 -23.56
N GLN A 15 -8.14 20.34 -23.61
CA GLN A 15 -7.76 21.33 -24.61
C GLN A 15 -6.34 21.81 -24.38
N TRP A 16 -5.95 21.98 -23.11
CA TRP A 16 -4.56 22.33 -22.81
C TRP A 16 -3.60 21.24 -23.28
N ALA A 17 -3.95 19.97 -23.02
CA ALA A 17 -3.11 18.86 -23.48
C ALA A 17 -2.89 18.93 -24.98
N THR A 18 -3.98 19.17 -25.72
CA THR A 18 -3.88 19.25 -27.18
C THR A 18 -3.02 20.44 -27.61
N ARG A 19 -3.25 21.62 -27.03
CA ARG A 19 -2.47 22.79 -27.43
C ARG A 19 -0.99 22.60 -27.12
N ILE A 20 -0.66 21.97 -25.98
CA ILE A 20 0.73 21.73 -25.63
C ILE A 20 1.38 20.75 -26.60
N ASP A 21 0.66 19.70 -26.98
CA ASP A 21 1.22 18.78 -28.01
C ASP A 21 1.48 19.56 -29.29
N GLU A 22 0.50 20.34 -29.73
CA GLU A 22 0.64 21.13 -30.99
C GLU A 22 1.89 22.01 -30.92
N ILE A 23 2.12 22.66 -29.78
CA ILE A 23 3.24 23.62 -29.67
C ILE A 23 4.57 22.88 -29.63
N GLY A 30 7.25 26.96 -31.62
CA GLY A 30 5.85 27.23 -31.21
C GLY A 30 5.69 28.63 -30.69
N GLU A 31 4.45 29.05 -30.49
CA GLU A 31 4.13 30.39 -29.98
C GLU A 31 4.38 30.48 -28.47
N VAL A 32 4.81 31.65 -28.00
CA VAL A 32 4.98 31.86 -26.54
C VAL A 32 3.64 31.95 -25.84
N ILE A 33 3.45 31.15 -24.80
CA ILE A 33 2.22 31.16 -24.00
C ILE A 33 2.36 32.27 -22.97
N TYR A 34 1.60 33.35 -23.15
CA TYR A 34 1.73 34.58 -22.37
C TYR A 34 0.47 34.76 -21.53
N ASN A 35 0.57 34.52 -20.20
CA ASN A 35 -0.55 34.57 -19.26
C ASN A 35 -0.17 35.55 -18.15
N VAL A 36 -0.25 36.84 -18.48
CA VAL A 36 0.09 37.93 -17.57
C VAL A 36 -1.15 38.79 -17.37
N ARG A 42 0.44 46.09 -9.22
CA ARG A 42 1.48 45.76 -8.25
C ARG A 42 2.76 45.32 -8.95
N GLU A 43 3.89 45.58 -8.28
CA GLU A 43 5.16 45.02 -8.74
C GLU A 43 5.27 43.56 -8.29
N TYR A 44 6.00 42.77 -9.07
CA TYR A 44 6.17 41.35 -8.75
C TYR A 44 6.99 41.20 -7.47
N ASP A 45 6.45 40.44 -6.51
CA ASP A 45 7.24 40.09 -5.33
C ASP A 45 8.38 39.16 -5.72
N ALA A 46 8.13 38.25 -6.67
CA ALA A 46 9.18 37.35 -7.11
C ALA A 46 8.90 36.95 -8.55
N ILE A 47 9.98 36.84 -9.33
CA ILE A 47 9.93 36.17 -10.62
C ILE A 47 10.64 34.84 -10.46
N PHE A 48 9.94 33.77 -10.81
CA PHE A 48 10.50 32.43 -10.70
C PHE A 48 11.15 32.10 -12.04
N ILE A 49 12.44 31.80 -12.01
CA ILE A 49 13.16 31.35 -13.20
C ILE A 49 13.01 29.84 -13.23
N GLY A 50 12.03 29.36 -13.99
CA GLY A 50 11.71 27.94 -14.06
C GLY A 50 10.39 27.65 -13.36
N GLY A 51 9.56 26.83 -14.01
CA GLY A 51 8.25 26.50 -13.46
C GLY A 51 8.03 25.04 -13.16
N GLY A 52 9.08 24.34 -12.72
CA GLY A 52 8.95 22.98 -12.26
C GLY A 52 8.36 22.92 -10.87
N ALA A 53 8.58 21.79 -10.19
CA ALA A 53 7.97 21.57 -8.88
C ALA A 53 8.25 22.73 -7.93
N ALA A 54 9.51 23.18 -7.86
CA ALA A 54 9.89 24.26 -6.97
C ALA A 54 9.25 25.58 -7.38
N GLY A 55 9.41 25.95 -8.66
CA GLY A 55 8.88 27.23 -9.11
C GLY A 55 7.36 27.28 -9.10
N ARG A 56 6.71 26.18 -9.49
CA ARG A 56 5.25 26.16 -9.54
C ARG A 56 4.66 26.18 -8.14
N PHE A 57 5.21 25.36 -7.22
CA PHE A 57 4.68 25.37 -5.86
C PHE A 57 5.02 26.66 -5.13
N GLY A 58 6.24 27.20 -5.32
CA GLY A 58 6.56 28.49 -4.73
C GLY A 58 5.62 29.58 -5.19
N SER A 59 5.31 29.61 -6.50
CA SER A 59 4.33 30.56 -7.02
C SER A 59 2.96 30.34 -6.40
N ALA A 60 2.51 29.08 -6.31
CA ALA A 60 1.19 28.81 -5.75
C ALA A 60 1.08 29.33 -4.32
N TYR A 61 2.10 29.08 -3.51
CA TYR A 61 2.07 29.53 -2.12
C TYR A 61 2.16 31.06 -2.05
N LEU A 62 3.06 31.66 -2.83
CA LEU A 62 3.21 33.12 -2.79
C LEU A 62 1.91 33.81 -3.17
N ARG A 63 1.25 33.33 -4.23
CA ARG A 63 -0.04 33.86 -4.62
C ARG A 63 -1.07 33.65 -3.52
N ALA A 64 -1.10 32.45 -2.93
CA ALA A 64 -2.09 32.15 -1.89
C ALA A 64 -1.90 33.09 -0.69
N MET A 65 -0.69 33.59 -0.50
CA MET A 65 -0.40 34.52 0.63
C MET A 65 -0.83 35.93 0.25
N GLY A 66 -1.19 36.13 -1.01
CA GLY A 66 -1.66 37.42 -1.53
C GLY A 66 -0.55 38.24 -2.15
N GLY A 67 0.49 37.59 -2.68
CA GLY A 67 1.60 38.31 -3.33
C GLY A 67 1.53 38.20 -4.84
N ARG A 68 2.39 38.90 -5.57
CA ARG A 68 2.35 38.79 -7.04
C ARG A 68 3.57 38.01 -7.51
N GLN A 69 3.34 37.12 -8.46
CA GLN A 69 4.38 36.19 -8.95
C GLN A 69 4.35 36.07 -10.47
N LEU A 70 5.50 35.80 -11.06
CA LEU A 70 5.56 35.49 -12.50
C LEU A 70 6.49 34.29 -12.72
N ILE A 71 5.99 33.27 -13.41
CA ILE A 71 6.83 32.10 -13.76
C ILE A 71 7.24 32.25 -15.22
N VAL A 72 8.53 32.05 -15.51
CA VAL A 72 9.00 32.00 -16.91
C VAL A 72 9.72 30.66 -17.10
N ASP A 73 9.24 29.82 -18.02
CA ASP A 73 9.87 28.53 -18.28
C ASP A 73 10.01 28.29 -19.79
N ARG A 74 11.13 27.67 -20.17
CA ARG A 74 11.40 27.36 -21.60
C ARG A 74 10.45 26.29 -22.12
N TRP A 75 9.89 25.44 -21.26
CA TRP A 75 8.92 24.43 -21.74
C TRP A 75 7.56 25.11 -21.93
N PRO A 76 6.68 24.61 -22.81
CA PRO A 76 5.31 25.13 -22.96
C PRO A 76 4.30 24.62 -21.92
N PHE A 77 4.77 23.88 -20.93
CA PHE A 77 3.95 23.33 -19.82
C PHE A 77 4.66 23.63 -18.50
N LEU A 78 3.89 23.59 -17.41
CA LEU A 78 4.43 23.79 -16.05
C LEU A 78 4.62 22.41 -15.42
N GLY A 79 5.37 22.34 -14.33
CA GLY A 79 5.64 21.10 -13.64
C GLY A 79 7.03 20.53 -13.88
N GLY A 80 7.69 21.02 -14.91
CA GLY A 80 9.09 20.66 -15.20
C GLY A 80 9.36 19.21 -15.55
N SER A 81 10.49 18.70 -15.07
CA SER A 81 11.02 17.36 -15.43
C SER A 81 10.08 16.24 -14.98
N CYS A 82 9.48 16.39 -13.80
CA CYS A 82 8.60 15.36 -13.21
C CYS A 82 7.62 14.77 -14.22
N PRO A 83 6.68 15.53 -14.83
CA PRO A 83 5.78 14.96 -15.80
C PRO A 83 6.39 14.68 -17.17
N HIS A 84 7.46 15.38 -17.53
CA HIS A 84 8.04 15.26 -18.89
C HIS A 84 9.06 14.13 -19.02
N ASN A 85 9.95 13.96 -18.04
CA ASN A 85 10.99 12.92 -18.22
C ASN A 85 11.54 12.41 -16.89
N ALA A 86 10.86 12.65 -15.78
CA ALA A 86 11.46 12.22 -14.49
C ALA A 86 10.53 11.28 -13.69
N CYS A 87 9.91 11.78 -12.64
CA CYS A 87 9.09 10.93 -11.73
C CYS A 87 7.96 10.20 -12.47
N VAL A 88 7.20 10.89 -13.30
CA VAL A 88 6.02 10.23 -13.92
C VAL A 88 6.42 9.05 -14.82
N PRO A 89 7.30 9.20 -15.82
CA PRO A 89 7.68 8.09 -16.65
C PRO A 89 8.35 6.99 -15.80
N HIS A 90 9.17 7.39 -14.83
CA HIS A 90 9.83 6.44 -13.90
C HIS A 90 8.74 5.57 -13.25
N HIS A 91 7.68 6.17 -12.74
CA HIS A 91 6.60 5.39 -12.09
C HIS A 91 5.89 4.49 -13.10
N LEU A 92 5.74 4.93 -14.34
CA LEU A 92 5.11 4.06 -15.34
C LEU A 92 6.01 2.84 -15.57
N PHE A 93 7.31 3.10 -15.73
CA PHE A 93 8.28 2.00 -15.96
C PHE A 93 8.33 1.05 -14.75
N SER A 94 8.29 1.59 -13.53
CA SER A 94 8.36 0.78 -12.29
C SER A 94 7.09 -0.08 -12.17
N ASP A 95 5.95 0.49 -12.53
CA ASP A 95 4.68 -0.28 -12.57
C ASP A 95 4.90 -1.48 -13.50
N CYS A 96 5.42 -1.22 -14.69
CA CYS A 96 5.70 -2.30 -15.68
C CYS A 96 6.69 -3.31 -15.09
N ALA A 97 7.72 -2.84 -14.40
CA ALA A 97 8.70 -3.76 -13.82
C ALA A 97 8.03 -4.70 -12.83
N ALA A 98 7.19 -4.18 -11.95
CA ALA A 98 6.55 -5.01 -10.93
C ALA A 98 5.56 -6.00 -11.56
N GLU A 99 4.74 -5.52 -12.49
CA GLU A 99 3.76 -6.38 -13.15
C GLU A 99 4.44 -7.48 -13.98
N LEU A 100 5.57 -7.14 -14.60
CA LEU A 100 6.29 -8.11 -15.42
C LEU A 100 7.01 -9.15 -14.57
N MET A 101 7.58 -8.73 -13.42
CA MET A 101 8.10 -9.74 -12.50
C MET A 101 7.01 -10.72 -12.08
N LEU A 102 5.81 -10.20 -11.81
CA LEU A 102 4.73 -11.11 -11.45
C LEU A 102 4.43 -12.07 -12.60
N ALA A 103 4.30 -11.52 -13.81
CA ALA A 103 3.94 -12.36 -14.97
C ALA A 103 4.99 -13.42 -15.26
N ARG A 104 6.28 -13.05 -15.12
CA ARG A 104 7.34 -14.01 -15.39
C ARG A 104 7.41 -15.08 -14.33
N THR A 105 7.16 -14.69 -13.07
CA THR A 105 7.15 -15.67 -11.98
C THR A 105 6.04 -16.70 -12.18
N PHE A 106 4.86 -16.28 -12.61
CA PHE A 106 3.74 -17.20 -12.77
C PHE A 106 3.41 -17.46 -14.24
N SER A 107 4.44 -17.36 -15.10
CA SER A 107 4.34 -17.61 -16.52
C SER A 107 3.62 -18.91 -16.82
N GLY A 108 2.60 -18.83 -17.67
CA GLY A 108 1.87 -20.03 -18.05
C GLY A 108 1.01 -20.64 -16.96
N GLN A 109 0.71 -19.89 -15.90
CA GLN A 109 -0.19 -20.33 -14.85
C GLN A 109 -1.37 -19.37 -14.78
N TYR A 110 -2.53 -19.89 -14.35
CA TYR A 110 -3.76 -19.11 -14.15
C TYR A 110 -4.03 -18.33 -15.44
N TRP A 111 -4.25 -17.02 -15.38
CA TRP A 111 -4.48 -16.21 -16.56
C TRP A 111 -3.19 -15.70 -17.22
N PHE A 112 -2.05 -16.01 -16.58
CA PHE A 112 -0.72 -15.56 -17.10
C PHE A 112 -0.32 -16.40 -18.32
N PRO A 113 0.15 -15.78 -19.42
CA PRO A 113 0.56 -16.50 -20.62
C PRO A 113 2.04 -16.92 -20.54
N ASP A 114 2.56 -17.53 -21.60
CA ASP A 114 3.98 -17.97 -21.64
C ASP A 114 4.88 -16.75 -21.83
N MET A 115 5.81 -16.53 -20.90
CA MET A 115 6.75 -15.36 -20.98
C MET A 115 8.16 -15.88 -21.26
N VAL A 119 9.92 -10.98 -25.19
CA VAL A 119 10.68 -9.74 -24.84
C VAL A 119 9.75 -8.54 -24.98
N VAL A 120 9.48 -7.84 -23.88
CA VAL A 120 8.57 -6.65 -23.88
C VAL A 120 9.22 -5.55 -24.73
N GLY A 121 8.42 -4.83 -25.52
CA GLY A 121 8.92 -3.75 -26.39
C GLY A 121 9.14 -2.46 -25.61
N ILE A 122 10.40 -2.16 -25.27
CA ILE A 122 10.74 -0.96 -24.51
C ILE A 122 10.14 0.25 -25.21
N LYS A 123 10.28 0.32 -26.54
CA LYS A 123 9.80 1.47 -27.28
C LYS A 123 8.29 1.63 -27.19
N GLU A 124 7.53 0.53 -27.15
CA GLU A 124 6.07 0.69 -27.07
C GLU A 124 5.66 1.33 -25.75
N VAL A 125 6.35 0.97 -24.65
CA VAL A 125 6.05 1.59 -23.36
C VAL A 125 6.49 3.03 -23.36
N VAL A 126 7.68 3.33 -23.91
CA VAL A 126 8.11 4.72 -23.98
C VAL A 126 7.15 5.52 -24.85
N ASP A 127 6.70 4.93 -25.96
CA ASP A 127 5.75 5.60 -26.85
C ASP A 127 4.41 5.79 -26.15
N LEU A 128 3.98 4.85 -25.32
CA LEU A 128 2.79 5.05 -24.50
C LEU A 128 2.95 6.27 -23.61
N PHE A 129 4.09 6.36 -22.91
CA PHE A 129 4.37 7.54 -22.11
C PHE A 129 4.33 8.81 -22.96
N ARG A 130 5.01 8.79 -24.12
CA ARG A 130 5.03 9.98 -24.97
C ARG A 130 3.64 10.37 -25.43
N ALA A 131 2.80 9.38 -25.74
CA ALA A 131 1.46 9.67 -26.23
C ALA A 131 0.57 10.23 -25.12
N GLY A 132 0.86 9.87 -23.86
CA GLY A 132 0.01 10.31 -22.78
C GLY A 132 0.51 11.43 -21.90
N ARG A 133 1.78 11.82 -22.04
CA ARG A 133 2.36 12.76 -21.08
C ARG A 133 1.77 14.16 -21.17
N ASN A 134 1.04 14.47 -22.25
CA ASN A 134 0.38 15.76 -22.32
C ASN A 134 -0.87 15.84 -21.44
N GLY A 135 -1.39 14.70 -20.96
CA GLY A 135 -2.41 14.73 -19.94
C GLY A 135 -1.97 15.50 -18.70
N PRO A 136 -0.92 15.02 -18.03
CA PRO A 136 -0.39 15.77 -16.89
C PRO A 136 0.02 17.19 -17.24
N HIS A 137 0.61 17.44 -18.42
CA HIS A 137 0.92 18.82 -18.84
C HIS A 137 -0.32 19.69 -18.83
N GLY A 138 -1.42 19.17 -19.40
CA GLY A 138 -2.65 19.94 -19.44
C GLY A 138 -3.21 20.20 -18.06
N ILE A 139 -3.14 19.19 -17.18
CA ILE A 139 -3.58 19.39 -15.80
C ILE A 139 -2.75 20.48 -15.14
N MET A 140 -1.43 20.46 -15.37
CA MET A 140 -0.55 21.48 -14.78
C MET A 140 -0.92 22.88 -15.24
N ASN A 141 -1.05 23.08 -16.55
CA ASN A 141 -1.36 24.42 -17.04
C ASN A 141 -2.76 24.87 -16.58
N PHE A 142 -3.74 23.97 -16.64
CA PHE A 142 -5.10 24.32 -16.22
C PHE A 142 -5.16 24.63 -14.73
N GLN A 143 -4.65 23.72 -13.89
CA GLN A 143 -4.70 23.92 -12.45
C GLN A 143 -3.95 25.19 -12.04
N SER A 144 -2.78 25.44 -12.65
CA SER A 144 -2.02 26.64 -12.31
C SER A 144 -2.76 27.91 -12.70
N LYS A 145 -3.40 27.92 -13.87
CA LYS A 145 -4.03 29.15 -14.32
C LYS A 145 -5.39 29.37 -13.66
N GLU A 146 -6.24 28.34 -13.70
CA GLU A 146 -7.64 28.51 -13.33
C GLU A 146 -7.91 28.30 -11.84
N GLN A 147 -7.13 27.46 -11.16
CA GLN A 147 -7.38 27.17 -9.76
C GLN A 147 -6.39 27.83 -8.80
N LEU A 148 -5.12 27.96 -9.20
CA LEU A 148 -4.08 28.56 -8.38
C LEU A 148 -3.83 30.02 -8.71
N ASN A 149 -4.52 30.58 -9.71
CA ASN A 149 -4.49 32.02 -10.01
C ASN A 149 -3.08 32.54 -10.33
N LEU A 150 -2.29 31.73 -11.02
CA LEU A 150 -0.91 32.10 -11.30
C LEU A 150 -0.78 32.80 -12.65
N GLU A 151 0.24 33.68 -12.74
CA GLU A 151 0.70 34.27 -13.99
C GLU A 151 1.93 33.52 -14.47
N TYR A 152 2.05 33.33 -15.78
CA TYR A 152 3.21 32.62 -16.30
C TYR A 152 3.44 32.94 -17.78
N ILE A 153 4.69 32.78 -18.19
CA ILE A 153 5.08 32.88 -19.59
C ILE A 153 5.86 31.60 -19.93
N LEU A 154 5.30 30.80 -20.83
CA LEU A 154 5.82 29.48 -21.15
C LEU A 154 6.28 29.41 -22.60
N ASN A 155 7.10 28.39 -22.88
CA ASN A 155 7.72 28.18 -24.19
C ASN A 155 8.65 29.33 -24.55
N CYS A 156 9.40 29.81 -23.55
CA CYS A 156 10.26 30.97 -23.69
C CYS A 156 11.36 30.93 -22.64
N PRO A 157 12.62 30.90 -23.03
CA PRO A 157 13.71 30.96 -22.03
C PRO A 157 13.81 32.33 -21.38
N ALA A 158 14.08 32.31 -20.07
CA ALA A 158 14.32 33.52 -19.30
C ALA A 158 15.79 33.88 -19.34
N ILE A 161 18.62 39.61 -16.39
CA ILE A 161 19.45 40.78 -16.69
C ILE A 161 20.26 41.13 -15.44
N ASP A 162 19.57 41.34 -14.33
CA ASP A 162 20.23 41.56 -13.04
C ASP A 162 19.31 41.03 -11.94
N ASN A 163 19.70 41.26 -10.67
CA ASN A 163 18.96 40.70 -9.54
C ASN A 163 17.56 41.29 -9.39
N HIS A 164 17.14 42.22 -10.25
CA HIS A 164 15.77 42.72 -10.28
C HIS A 164 15.16 42.77 -11.67
N THR A 165 15.78 42.15 -12.68
CA THR A 165 15.40 42.38 -14.07
C THR A 165 15.49 41.10 -14.90
N VAL A 166 14.41 40.78 -15.62
CA VAL A 166 14.33 39.53 -16.40
C VAL A 166 13.65 39.79 -17.74
N PHE A 173 10.79 42.67 -17.41
CA PHE A 173 10.01 42.61 -16.19
C PHE A 173 10.89 42.97 -15.00
N LYS A 174 10.28 43.72 -14.07
CA LYS A 174 10.89 44.10 -12.80
C LYS A 174 10.25 43.29 -11.68
N ALA A 175 11.06 42.97 -10.67
CA ALA A 175 10.56 42.24 -9.50
C ALA A 175 11.41 42.58 -8.27
N LYS A 176 10.79 42.44 -7.10
CA LYS A 176 11.50 42.69 -5.85
C LYS A 176 12.54 41.61 -5.57
N ASN A 177 12.29 40.39 -6.03
CA ASN A 177 13.18 39.25 -5.77
C ASN A 177 13.17 38.33 -6.98
N LEU A 178 14.27 37.58 -7.12
CA LEU A 178 14.33 36.44 -8.03
C LEU A 178 14.37 35.16 -7.21
N ILE A 179 13.69 34.13 -7.68
CA ILE A 179 13.79 32.78 -7.13
C ILE A 179 14.23 31.88 -8.27
N LEU A 180 15.47 31.41 -8.21
CA LEU A 180 16.07 30.60 -9.26
C LEU A 180 15.65 29.14 -9.07
N ALA A 181 14.97 28.57 -10.06
CA ALA A 181 14.38 27.24 -9.93
C ALA A 181 14.51 26.46 -11.24
N VAL A 182 15.70 26.53 -11.84
CA VAL A 182 15.95 25.93 -13.15
C VAL A 182 16.35 24.47 -13.06
N GLY A 183 16.45 23.90 -11.86
CA GLY A 183 16.62 22.46 -11.72
C GLY A 183 18.05 22.00 -12.02
N ALA A 184 18.14 20.77 -12.51
CA ALA A 184 19.42 20.13 -12.82
C ALA A 184 19.30 19.33 -14.12
N GLY A 185 20.46 19.05 -14.71
CA GLY A 185 20.54 18.31 -15.95
C GLY A 185 21.25 16.98 -15.80
N PRO A 186 21.05 16.08 -16.76
CA PRO A 186 21.65 14.74 -16.65
C PRO A 186 23.17 14.78 -16.58
N GLY A 187 23.72 13.88 -15.77
CA GLY A 187 25.16 13.75 -15.67
C GLY A 187 25.74 13.10 -16.91
N THR A 188 26.96 13.49 -17.25
CA THR A 188 27.63 13.00 -18.45
C THR A 188 28.87 12.19 -18.08
N LEU A 189 29.36 11.45 -19.08
CA LEU A 189 30.47 10.52 -18.93
C LEU A 189 31.53 10.87 -19.95
N ASP A 190 32.77 11.08 -19.49
CA ASP A 190 33.87 11.52 -20.37
C ASP A 190 34.61 10.31 -20.95
N VAL A 191 33.93 9.60 -21.85
CA VAL A 191 34.52 8.42 -22.49
C VAL A 191 34.22 8.46 -23.97
N PRO A 192 35.11 7.89 -24.78
CA PRO A 192 34.83 7.77 -26.21
C PRO A 192 33.53 7.01 -26.43
N GLY A 193 32.74 7.47 -27.40
CA GLY A 193 31.52 6.81 -27.79
C GLY A 193 30.29 7.22 -27.04
N VAL A 194 30.41 8.13 -26.05
CA VAL A 194 29.25 8.48 -25.25
C VAL A 194 28.15 9.16 -26.07
N ASN A 195 28.47 9.73 -27.25
CA ASN A 195 27.42 10.28 -28.09
C ASN A 195 26.92 9.30 -29.14
N ALA A 196 27.37 8.05 -29.09
CA ALA A 196 26.92 7.08 -30.07
C ALA A 196 25.41 6.91 -30.00
N LYS A 197 24.82 6.57 -31.14
CA LYS A 197 23.40 6.31 -31.22
C LYS A 197 23.07 5.03 -30.46
N GLY A 198 22.20 5.13 -29.47
CA GLY A 198 21.97 4.05 -28.53
C GLY A 198 22.42 4.34 -27.12
N VAL A 199 23.08 5.47 -26.86
CA VAL A 199 23.34 5.91 -25.50
C VAL A 199 22.22 6.85 -25.07
N PHE A 200 21.58 6.55 -23.96
CA PHE A 200 20.47 7.38 -23.47
C PHE A 200 20.66 7.70 -22.00
N ASP A 201 19.98 8.77 -21.58
CA ASP A 201 19.73 9.04 -20.18
C ASP A 201 18.22 9.18 -20.00
N HIS A 202 17.79 9.53 -18.79
CA HIS A 202 16.35 9.58 -18.55
C HIS A 202 15.68 10.62 -19.43
N ALA A 203 16.37 11.72 -19.72
CA ALA A 203 15.79 12.78 -20.54
C ALA A 203 15.72 12.37 -22.01
N THR A 204 16.81 11.85 -22.56
CA THR A 204 16.81 11.53 -23.98
C THR A 204 16.06 10.24 -24.29
N LEU A 205 15.91 9.33 -23.31
CA LEU A 205 15.18 8.08 -23.56
C LEU A 205 13.77 8.35 -24.07
N VAL A 206 13.11 9.38 -23.54
CA VAL A 206 11.72 9.63 -23.90
C VAL A 206 11.62 10.65 -25.03
N GLU A 207 12.75 11.00 -25.64
CA GLU A 207 12.75 11.88 -26.81
C GLU A 207 13.33 11.26 -28.06
N GLU A 208 14.29 10.36 -27.93
CA GLU A 208 15.10 9.97 -29.09
C GLU A 208 15.12 8.46 -29.34
N LEU A 209 14.30 7.68 -28.65
CA LEU A 209 14.30 6.23 -28.83
C LEU A 209 13.49 5.90 -30.08
N ASP A 210 14.20 5.65 -31.20
CA ASP A 210 13.56 5.39 -32.48
C ASP A 210 13.79 3.97 -32.99
N TYR A 211 14.20 3.06 -32.10
CA TYR A 211 14.40 1.66 -32.44
C TYR A 211 14.08 0.83 -31.20
N GLU A 212 13.94 -0.47 -31.40
CA GLU A 212 13.72 -1.37 -30.26
C GLU A 212 15.05 -1.99 -29.85
N PRO A 213 15.50 -1.76 -28.61
CA PRO A 213 16.81 -2.29 -28.17
C PRO A 213 16.95 -3.80 -28.34
N GLY A 214 18.19 -4.23 -28.52
CA GLY A 214 18.54 -5.63 -28.62
C GLY A 214 18.46 -6.34 -27.28
N SER A 215 19.08 -7.51 -27.15
CA SER A 215 18.79 -8.36 -26.01
C SER A 215 19.63 -8.05 -24.78
N THR A 216 20.61 -7.16 -24.87
CA THR A 216 21.42 -6.79 -23.71
C THR A 216 21.31 -5.30 -23.48
N VAL A 217 21.26 -4.90 -22.21
CA VAL A 217 21.28 -3.52 -21.80
C VAL A 217 22.44 -3.32 -20.83
N VAL A 218 23.19 -2.24 -21.01
CA VAL A 218 24.22 -1.83 -20.05
C VAL A 218 23.71 -0.58 -19.36
N VAL A 219 23.65 -0.60 -18.04
CA VAL A 219 23.27 0.57 -17.24
C VAL A 219 24.49 1.05 -16.48
N VAL A 220 24.75 2.35 -16.51
CA VAL A 220 25.87 2.95 -15.80
C VAL A 220 25.34 3.70 -14.58
N GLY A 221 25.82 3.33 -13.39
CA GLY A 221 25.39 3.97 -12.15
C GLY A 221 24.72 3.00 -11.18
N GLY A 222 24.59 3.37 -9.90
CA GLY A 222 24.09 2.42 -8.90
C GLY A 222 23.10 2.91 -7.86
N SER A 223 22.57 4.10 -8.06
CA SER A 223 21.55 4.66 -7.20
C SER A 223 20.17 4.62 -7.87
N LYS A 224 19.25 5.45 -7.37
CA LYS A 224 17.81 5.35 -7.70
C LYS A 224 17.52 5.23 -9.18
N THR A 225 17.94 6.21 -9.99
CA THR A 225 17.54 6.21 -11.41
C THR A 225 18.06 4.98 -12.13
N ALA A 226 19.35 4.66 -11.92
CA ALA A 226 19.94 3.51 -12.57
C ALA A 226 19.23 2.22 -12.18
N VAL A 227 18.92 2.06 -10.89
CA VAL A 227 18.28 0.83 -10.45
C VAL A 227 16.85 0.75 -10.95
N GLU A 228 16.10 1.86 -10.86
CA GLU A 228 14.70 1.85 -11.29
C GLU A 228 14.59 1.51 -12.79
N TYR A 229 15.36 2.23 -13.63
CA TYR A 229 15.29 1.95 -15.07
C TYR A 229 15.88 0.58 -15.41
N GLY A 230 16.95 0.17 -14.73
CA GLY A 230 17.54 -1.12 -14.99
C GLY A 230 16.61 -2.28 -14.68
N CYS A 231 15.84 -2.18 -13.60
CA CYS A 231 14.89 -3.24 -13.29
C CYS A 231 13.78 -3.27 -14.33
N PHE A 232 13.36 -2.10 -14.82
CA PHE A 232 12.41 -2.10 -15.93
C PHE A 232 12.99 -2.80 -17.17
N PHE A 233 14.20 -2.43 -17.59
CA PHE A 233 14.79 -3.08 -18.77
C PHE A 233 14.90 -4.58 -18.58
N ASN A 234 15.37 -5.01 -17.40
CA ASN A 234 15.45 -6.44 -17.10
C ASN A 234 14.08 -7.10 -17.17
N ALA A 235 13.05 -6.43 -16.65
CA ALA A 235 11.70 -7.00 -16.65
C ALA A 235 11.17 -7.18 -18.07
N THR A 236 11.60 -6.36 -19.03
CA THR A 236 11.20 -6.56 -20.41
C THR A 236 11.85 -7.78 -21.04
N GLY A 237 12.79 -8.41 -20.36
CA GLY A 237 13.40 -9.64 -20.82
C GLY A 237 14.81 -9.50 -21.34
N ARG A 238 15.50 -8.41 -21.02
CA ARG A 238 16.82 -8.16 -21.55
C ARG A 238 17.86 -8.41 -20.48
N ARG A 239 18.96 -9.01 -20.89
CA ARG A 239 20.09 -9.19 -19.98
C ARG A 239 20.60 -7.82 -19.55
N THR A 240 20.60 -7.54 -18.24
CA THR A 240 20.85 -6.19 -17.77
C THR A 240 22.09 -6.19 -16.88
N VAL A 241 23.11 -5.45 -17.32
CA VAL A 241 24.40 -5.37 -16.62
C VAL A 241 24.51 -3.95 -16.09
N MET A 242 24.64 -3.82 -14.78
CA MET A 242 24.80 -2.51 -14.14
C MET A 242 26.29 -2.31 -13.76
N LEU A 243 26.88 -1.23 -14.23
CA LEU A 243 28.28 -0.91 -13.94
C LEU A 243 28.28 0.19 -12.88
N VAL A 244 28.53 -0.19 -11.62
CA VAL A 244 28.45 0.72 -10.48
C VAL A 244 29.86 1.14 -10.08
N ARG A 245 30.09 2.45 -9.97
CA ARG A 245 31.43 2.94 -9.65
C ARG A 245 31.86 2.49 -8.25
N THR A 246 30.96 2.61 -7.27
CA THR A 246 31.31 2.22 -5.91
C THR A 246 30.69 0.98 -5.27
N GLU A 247 29.43 1.06 -4.84
CA GLU A 247 28.67 -0.06 -4.29
C GLU A 247 27.21 0.32 -4.51
N PRO A 248 26.36 -0.63 -4.88
CA PRO A 248 24.96 -0.28 -5.20
C PRO A 248 24.13 0.00 -3.97
N LEU A 249 23.16 0.92 -4.11
CA LEU A 249 22.06 1.10 -3.16
C LEU A 249 22.58 1.44 -1.76
N LYS A 250 23.55 2.33 -1.69
CA LYS A 250 24.07 2.81 -0.41
C LYS A 250 23.01 3.56 0.40
N LEU A 251 21.96 4.06 -0.25
CA LEU A 251 20.90 4.75 0.46
C LEU A 251 20.14 3.80 1.41
N ILE A 252 20.21 2.49 1.18
CA ILE A 252 19.54 1.51 2.04
C ILE A 252 20.53 1.16 3.16
N LYS A 253 20.38 1.82 4.31
CA LYS A 253 21.35 1.69 5.38
C LYS A 253 21.20 0.40 6.18
N ASP A 254 19.98 -0.14 6.29
CA ASP A 254 19.83 -1.40 7.01
C ASP A 254 20.41 -2.55 6.17
N ASN A 255 21.38 -3.27 6.73
CA ASN A 255 22.13 -4.24 5.93
C ASN A 255 21.22 -5.35 5.41
N GLU A 256 20.33 -5.87 6.25
CA GLU A 256 19.47 -6.99 5.82
C GLU A 256 18.50 -6.54 4.74
N THR A 257 17.91 -5.36 4.91
CA THR A 257 17.02 -4.83 3.88
C THR A 257 17.74 -4.67 2.56
N ARG A 258 18.95 -4.09 2.59
CA ARG A 258 19.73 -3.92 1.37
C ARG A 258 20.02 -5.26 0.73
N ALA A 259 20.43 -6.24 1.54
CA ALA A 259 20.75 -7.56 1.00
C ALA A 259 19.53 -8.22 0.39
N TYR A 260 18.35 -8.09 1.02
CA TYR A 260 17.15 -8.65 0.41
C TYR A 260 16.89 -8.01 -0.95
N VAL A 261 16.95 -6.68 -1.03
CA VAL A 261 16.69 -5.97 -2.28
C VAL A 261 17.67 -6.41 -3.39
N LEU A 262 18.96 -6.47 -3.05
CA LEU A 262 19.96 -6.88 -4.03
C LEU A 262 19.79 -8.36 -4.41
N ASP A 263 19.49 -9.22 -3.43
CA ASP A 263 19.30 -10.64 -3.71
C ASP A 263 18.16 -10.86 -4.68
N ARG A 264 17.04 -10.12 -4.48
CA ARG A 264 15.91 -10.26 -5.39
C ARG A 264 16.22 -9.69 -6.78
N MET A 265 17.01 -8.63 -6.86
CA MET A 265 17.43 -8.17 -8.18
C MET A 265 18.27 -9.22 -8.89
N LYS A 266 19.19 -9.86 -8.17
CA LYS A 266 20.05 -10.85 -8.81
C LYS A 266 19.25 -12.09 -9.22
N GLU A 267 18.27 -12.49 -8.39
CA GLU A 267 17.40 -13.61 -8.75
C GLU A 267 16.61 -13.34 -10.03
N GLN A 268 16.28 -12.08 -10.29
CA GLN A 268 15.62 -11.73 -11.55
C GLN A 268 16.58 -11.71 -12.75
N GLY A 269 17.88 -11.93 -12.54
CA GLY A 269 18.86 -11.99 -13.63
C GLY A 269 19.73 -10.77 -13.79
N MET A 270 19.61 -9.79 -12.91
CA MET A 270 20.42 -8.59 -13.03
C MET A 270 21.84 -8.87 -12.58
N GLU A 271 22.80 -8.27 -13.28
CA GLU A 271 24.21 -8.42 -12.98
C GLU A 271 24.71 -7.08 -12.47
N ILE A 272 25.19 -7.05 -11.24
CA ILE A 272 25.60 -5.81 -10.60
C ILE A 272 27.10 -5.91 -10.35
N ILE A 273 27.88 -5.07 -11.02
CA ILE A 273 29.33 -5.12 -10.93
C ILE A 273 29.81 -3.86 -10.23
N SER A 274 30.32 -4.02 -9.01
CA SER A 274 30.82 -2.92 -8.20
C SER A 274 32.24 -2.54 -8.59
N GLY A 275 32.64 -1.35 -8.17
CA GLY A 275 33.98 -0.87 -8.43
C GLY A 275 34.35 -0.82 -9.90
N SER A 276 33.39 -0.52 -10.77
CA SER A 276 33.65 -0.62 -12.20
C SER A 276 33.43 0.73 -12.86
N ASN A 277 34.23 1.00 -13.90
CA ASN A 277 34.20 2.28 -14.61
C ASN A 277 34.25 2.02 -16.11
N VAL A 278 33.32 2.61 -16.84
CA VAL A 278 33.32 2.51 -18.29
C VAL A 278 34.60 3.13 -18.82
N THR A 279 35.31 2.39 -19.69
CA THR A 279 36.50 2.86 -20.42
C THR A 279 36.13 3.43 -21.78
N ARG A 280 35.23 2.75 -22.49
CA ARG A 280 34.79 3.29 -23.77
C ARG A 280 33.49 2.62 -24.18
N ILE A 281 32.72 3.33 -24.98
CA ILE A 281 31.52 2.79 -25.62
C ILE A 281 31.89 2.64 -27.09
N GLU A 282 31.94 1.40 -27.57
CA GLU A 282 32.35 1.15 -28.95
C GLU A 282 31.23 1.45 -29.93
N GLU A 283 31.60 2.14 -31.01
CA GLU A 283 30.70 2.52 -32.09
C GLU A 283 30.89 1.59 -33.27
N ASP A 284 29.80 1.22 -33.93
CA ASP A 284 29.96 0.48 -35.17
C ASP A 284 30.17 1.48 -36.32
N ALA A 285 30.29 0.93 -37.53
CA ALA A 285 30.58 1.78 -38.69
C ALA A 285 29.43 2.71 -39.04
N ASN A 286 28.24 2.46 -38.51
CA ASN A 286 27.12 3.38 -38.70
C ASN A 286 26.96 4.38 -37.56
N GLY A 287 27.89 4.38 -36.60
CA GLY A 287 27.78 5.26 -35.45
C GLY A 287 26.90 4.77 -34.32
N ARG A 288 26.49 3.50 -34.32
CA ARG A 288 25.64 2.95 -33.27
C ARG A 288 26.47 2.16 -32.26
N VAL A 289 26.02 2.17 -31.00
CA VAL A 289 26.68 1.37 -29.97
C VAL A 289 26.77 -0.08 -30.42
N GLN A 290 27.93 -0.68 -30.24
CA GLN A 290 28.07 -2.12 -30.37
C GLN A 290 28.61 -2.81 -29.11
N ALA A 291 29.24 -2.09 -28.19
CA ALA A 291 29.74 -2.73 -26.98
C ALA A 291 30.14 -1.67 -25.96
N VAL A 292 30.24 -2.10 -24.71
CA VAL A 292 30.82 -1.29 -23.64
C VAL A 292 32.06 -2.01 -23.14
N VAL A 293 33.15 -1.27 -22.99
CA VAL A 293 34.36 -1.76 -22.35
C VAL A 293 34.48 -1.07 -21.01
N ALA A 294 34.70 -1.86 -19.95
CA ALA A 294 34.76 -1.36 -18.60
C ALA A 294 35.91 -2.02 -17.86
N MET A 295 36.55 -1.24 -16.97
CA MET A 295 37.51 -1.77 -16.02
C MET A 295 36.77 -2.17 -14.75
N THR A 296 37.04 -3.37 -14.25
CA THR A 296 36.45 -3.86 -13.01
C THR A 296 37.58 -4.26 -12.07
N PRO A 297 37.30 -4.51 -10.78
CA PRO A 297 38.35 -5.01 -9.88
C PRO A 297 38.96 -6.33 -10.36
N ASN A 298 38.28 -7.05 -11.24
CA ASN A 298 38.80 -8.30 -11.77
C ASN A 298 39.30 -8.16 -13.19
N GLY A 299 39.55 -6.93 -13.63
CA GLY A 299 40.12 -6.63 -14.94
C GLY A 299 39.12 -6.08 -15.93
N GLU A 300 39.59 -5.93 -17.17
CA GLU A 300 38.76 -5.37 -18.23
C GLU A 300 37.75 -6.37 -18.75
N MET A 301 36.54 -5.89 -19.06
CA MET A 301 35.52 -6.73 -19.66
C MET A 301 34.86 -5.95 -20.78
N ARG A 302 34.36 -6.69 -21.78
CA ARG A 302 33.64 -6.13 -22.91
C ARG A 302 32.26 -6.78 -22.99
N ILE A 303 31.21 -5.95 -23.00
CA ILE A 303 29.83 -6.41 -23.05
C ILE A 303 29.24 -5.95 -24.37
N GLU A 304 28.78 -6.89 -25.19
CA GLU A 304 28.15 -6.53 -26.45
C GLU A 304 26.74 -6.03 -26.16
N THR A 305 26.39 -4.89 -26.75
CA THR A 305 25.09 -4.26 -26.54
C THR A 305 24.87 -3.19 -27.60
N ASP A 306 23.61 -2.90 -27.90
CA ASP A 306 23.31 -1.73 -28.73
C ASP A 306 22.51 -0.69 -27.96
N PHE A 307 22.52 -0.77 -26.63
CA PHE A 307 21.67 0.09 -25.80
C PHE A 307 22.34 0.30 -24.46
N VAL A 308 22.66 1.55 -24.15
CA VAL A 308 23.32 1.91 -22.90
C VAL A 308 22.49 2.98 -22.22
N PHE A 309 22.20 2.81 -20.94
CA PHE A 309 21.45 3.80 -20.19
C PHE A 309 22.36 4.38 -19.10
N LEU A 310 22.50 5.69 -19.10
CA LEU A 310 23.30 6.40 -18.09
C LEU A 310 22.38 6.84 -16.96
N GLY A 311 22.62 6.32 -15.77
CA GLY A 311 21.86 6.69 -14.60
C GLY A 311 22.76 7.37 -13.59
N LEU A 312 23.37 8.46 -14.01
CA LEU A 312 24.33 9.23 -13.23
C LEU A 312 23.61 10.37 -12.51
N GLY A 313 24.29 10.97 -11.54
CA GLY A 313 23.69 12.04 -10.77
C GLY A 313 23.37 13.26 -11.62
N GLU A 314 22.26 13.91 -11.32
CA GLU A 314 21.87 15.14 -11.99
C GLU A 314 22.80 16.29 -11.58
N GLN A 315 23.02 17.25 -12.48
CA GLN A 315 23.94 18.36 -12.27
C GLN A 315 23.22 19.71 -12.27
N PRO A 316 23.26 20.47 -11.17
CA PRO A 316 22.58 21.77 -11.12
C PRO A 316 22.91 22.70 -12.29
N ARG A 317 21.87 23.36 -12.81
CA ARG A 317 21.99 24.24 -13.97
C ARG A 317 22.36 25.65 -13.51
N SER A 318 23.61 25.80 -13.07
CA SER A 318 24.06 27.02 -12.41
C SER A 318 24.95 27.91 -13.26
N GLY A 326 26.79 36.44 -10.40
CA GLY A 326 27.90 36.31 -9.47
C GLY A 326 27.56 35.46 -8.26
N LEU A 327 26.91 34.33 -8.49
CA LEU A 327 26.50 33.46 -7.39
C LEU A 327 27.66 32.59 -6.90
N ASP A 328 27.74 32.43 -5.59
CA ASP A 328 28.67 31.46 -5.01
C ASP A 328 28.16 30.05 -5.23
N LEU A 329 29.01 29.18 -5.77
CA LEU A 329 28.65 27.80 -6.07
C LEU A 329 29.38 26.83 -5.15
N GLY A 330 28.78 25.65 -4.97
CA GLY A 330 29.38 24.60 -4.18
C GLY A 330 30.23 23.69 -5.03
N PRO A 331 30.81 22.64 -4.42
CA PRO A 331 31.77 21.81 -5.17
C PRO A 331 31.18 21.11 -6.37
N LYS A 332 29.89 20.73 -6.33
CA LYS A 332 29.24 20.03 -7.42
C LYS A 332 28.45 20.97 -8.34
N GLY A 333 28.72 22.27 -8.29
CA GLY A 333 28.03 23.25 -9.10
C GLY A 333 26.69 23.71 -8.57
N GLU A 334 26.29 23.25 -7.39
CA GLU A 334 25.04 23.69 -6.79
C GLU A 334 25.15 25.14 -6.33
N VAL A 335 24.03 25.86 -6.38
CA VAL A 335 23.99 27.24 -5.89
C VAL A 335 23.92 27.23 -4.37
N LEU A 336 24.80 27.98 -3.73
CA LEU A 336 24.88 27.98 -2.27
C LEU A 336 23.77 28.85 -1.67
N VAL A 337 23.09 28.33 -0.65
CA VAL A 337 22.00 29.04 -0.01
C VAL A 337 22.12 28.87 1.49
N ASN A 338 21.66 29.88 2.23
CA ASN A 338 21.53 29.79 3.68
C ASN A 338 20.23 29.06 4.03
N GLU A 339 19.89 29.01 5.31
CA GLU A 339 18.71 28.28 5.75
C GLU A 339 17.41 28.97 5.34
N TYR A 340 17.48 30.20 4.83
CA TYR A 340 16.31 30.89 4.27
C TYR A 340 16.27 30.83 2.76
N LEU A 341 17.09 29.96 2.15
CA LEU A 341 17.16 29.75 0.71
C LEU A 341 17.72 30.97 -0.02
N GLN A 342 18.42 31.86 0.68
CA GLN A 342 19.03 33.04 0.08
C GLN A 342 20.41 32.70 -0.47
N THR A 343 20.70 33.15 -1.68
CA THR A 343 22.03 32.92 -2.27
C THR A 343 22.99 34.04 -1.81
N SER A 344 24.14 34.13 -2.47
CA SER A 344 25.12 35.17 -2.08
C SER A 344 24.66 36.54 -2.59
N ASN A 347 18.33 39.55 -2.66
CA ASN A 347 17.02 39.44 -3.34
C ASN A 347 17.03 38.26 -4.32
N VAL A 348 18.04 37.39 -4.22
CA VAL A 348 18.06 36.23 -5.11
C VAL A 348 18.07 34.98 -4.23
N TYR A 349 17.03 34.16 -4.38
CA TYR A 349 16.90 32.87 -3.72
C TYR A 349 17.16 31.77 -4.73
N ALA A 350 17.47 30.58 -4.23
CA ALA A 350 17.60 29.39 -5.06
C ALA A 350 16.95 28.19 -4.36
N VAL A 351 16.30 27.32 -5.14
CA VAL A 351 15.45 26.26 -4.61
C VAL A 351 15.56 25.02 -5.49
N GLY A 352 15.03 23.90 -4.99
CA GLY A 352 14.93 22.69 -5.80
C GLY A 352 16.27 22.03 -6.09
N ASP A 353 16.30 21.29 -7.21
CA ASP A 353 17.53 20.59 -7.59
C ASP A 353 18.69 21.54 -7.81
N LEU A 354 18.39 22.80 -8.11
CA LEU A 354 19.46 23.79 -8.30
C LEU A 354 20.34 23.93 -7.07
N ILE A 355 19.82 23.63 -5.88
CA ILE A 355 20.65 23.78 -4.69
C ILE A 355 21.26 22.45 -4.25
N GLY A 356 21.13 21.42 -5.06
CA GLY A 356 21.77 20.15 -4.75
C GLY A 356 20.85 19.17 -4.04
N GLY A 357 21.48 18.16 -3.45
CA GLY A 357 20.75 17.09 -2.79
C GLY A 357 20.10 17.53 -1.48
N PRO A 358 19.04 16.82 -1.06
CA PRO A 358 18.44 15.71 -1.82
C PRO A 358 17.58 16.21 -2.97
N MET A 359 17.73 15.60 -4.13
CA MET A 359 16.96 15.99 -5.30
C MET A 359 15.70 15.13 -5.31
N GLU A 360 14.70 15.60 -4.55
CA GLU A 360 13.42 14.93 -4.40
C GLU A 360 12.31 15.97 -4.52
N MET A 361 11.12 15.49 -4.88
CA MET A 361 9.99 16.41 -5.04
C MET A 361 9.63 17.12 -3.75
N PHE A 362 9.67 16.45 -2.61
CA PHE A 362 9.36 17.16 -1.34
C PHE A 362 10.35 18.32 -1.13
N LYS A 363 11.61 18.16 -1.52
CA LYS A 363 12.63 19.19 -1.26
C LYS A 363 12.38 20.36 -2.20
N ALA A 364 12.15 20.06 -3.47
CA ALA A 364 11.88 21.13 -4.46
C ALA A 364 10.64 21.92 -4.08
N ARG A 365 9.54 21.25 -3.77
CA ARG A 365 8.27 21.95 -3.45
C ARG A 365 8.38 22.72 -2.14
N LYS A 366 8.97 22.13 -1.11
CA LYS A 366 9.06 22.82 0.19
C LYS A 366 10.05 23.98 0.06
N SER A 367 11.21 23.77 -0.58
CA SER A 367 12.17 24.89 -0.74
C SER A 367 11.50 26.02 -1.52
N GLY A 368 10.77 25.70 -2.58
CA GLY A 368 10.06 26.74 -3.32
C GLY A 368 9.08 27.52 -2.44
N CYS A 369 8.26 26.80 -1.68
CA CYS A 369 7.29 27.47 -0.81
C CYS A 369 7.97 28.30 0.28
N TYR A 370 9.03 27.77 0.88
CA TYR A 370 9.72 28.48 1.97
C TYR A 370 10.42 29.73 1.45
N ALA A 371 11.05 29.65 0.27
CA ALA A 371 11.58 30.86 -0.34
C ALA A 371 10.48 31.89 -0.54
N ALA A 372 9.32 31.46 -1.05
CA ALA A 372 8.20 32.37 -1.27
C ALA A 372 7.75 33.02 0.04
N ARG A 373 7.67 32.24 1.11
CA ARG A 373 7.26 32.79 2.40
C ARG A 373 8.26 33.81 2.91
N ASN A 374 9.56 33.54 2.75
CA ASN A 374 10.57 34.52 3.16
C ASN A 374 10.48 35.79 2.33
N VAL A 375 10.26 35.66 1.01
CA VAL A 375 10.06 36.83 0.15
C VAL A 375 8.88 37.66 0.63
N MET A 376 7.83 36.99 1.12
CA MET A 376 6.63 37.67 1.58
C MET A 376 6.73 38.10 3.05
N GLY A 377 7.93 38.09 3.62
CA GLY A 377 8.17 38.62 4.96
C GLY A 377 8.06 37.63 6.10
N GLU A 378 7.87 36.35 5.83
CA GLU A 378 7.72 35.35 6.87
C GLU A 378 9.05 34.58 6.97
N LYS A 379 9.93 35.06 7.85
CA LYS A 379 11.22 34.44 8.08
C LYS A 379 11.10 33.02 8.62
N ILE A 380 11.41 32.01 7.82
CA ILE A 380 11.30 30.61 8.23
C ILE A 380 12.43 29.82 7.60
N SER A 381 13.07 28.98 8.40
CA SER A 381 14.25 28.27 7.93
C SER A 381 13.87 26.89 7.44
N TYR A 382 14.69 26.35 6.55
CA TYR A 382 14.44 25.02 6.01
C TYR A 382 15.76 24.28 5.90
N THR A 383 15.87 23.19 6.66
CA THR A 383 17.03 22.30 6.61
C THR A 383 16.50 20.88 6.53
N PRO A 384 16.43 20.29 5.33
CA PRO A 384 15.83 18.96 5.18
C PRO A 384 16.65 17.92 5.92
N LYS A 385 15.98 17.18 6.81
CA LYS A 385 16.62 16.23 7.69
C LYS A 385 15.55 15.27 8.21
N ASN A 386 15.96 14.03 8.45
CA ASN A 386 15.06 12.99 9.01
C ASN A 386 13.78 12.90 8.19
N TYR A 387 13.96 12.71 6.90
CA TYR A 387 12.82 12.56 5.98
C TYR A 387 12.75 11.09 5.56
N PRO A 388 11.59 10.60 5.11
CA PRO A 388 11.47 9.24 4.64
C PRO A 388 12.01 9.19 3.21
N ASP A 389 12.41 8.02 2.76
CA ASP A 389 12.95 7.89 1.38
C ASP A 389 12.41 6.59 0.77
N PHE A 390 12.63 6.45 -0.52
CA PHE A 390 12.04 5.34 -1.28
C PHE A 390 12.72 5.24 -2.64
N LEU A 391 12.79 4.03 -3.15
CA LEU A 391 13.25 3.77 -4.53
C LEU A 391 12.52 2.52 -5.04
N HIS A 392 12.51 2.34 -6.34
CA HIS A 392 11.90 1.12 -6.91
C HIS A 392 12.97 0.20 -7.50
N THR A 393 12.81 -1.08 -7.23
CA THR A 393 13.48 -2.08 -8.04
C THR A 393 12.32 -2.79 -8.73
N HIS A 394 12.23 -4.05 -8.85
CA HIS A 394 10.91 -4.65 -9.08
C HIS A 394 9.93 -4.56 -7.91
N TYR A 395 10.40 -4.14 -6.74
CA TYR A 395 9.58 -3.87 -5.57
C TYR A 395 9.62 -2.37 -5.28
N GLU A 396 8.70 -1.96 -4.40
CA GLU A 396 8.83 -0.68 -3.73
C GLU A 396 9.68 -0.86 -2.48
N VAL A 397 10.64 0.04 -2.29
CA VAL A 397 11.61 -0.03 -1.19
C VAL A 397 11.52 1.28 -0.41
N SER A 398 11.11 1.18 0.84
CA SER A 398 10.82 2.34 1.67
C SER A 398 11.69 2.31 2.92
N PHE A 399 12.22 3.46 3.32
CA PHE A 399 13.10 3.45 4.48
C PHE A 399 13.09 4.80 5.17
N LEU A 400 13.23 4.76 6.50
CA LEU A 400 13.42 5.98 7.27
C LEU A 400 14.26 5.68 8.49
N GLY A 401 14.96 6.71 8.99
CA GLY A 401 15.65 6.55 10.24
C GLY A 401 16.86 5.62 10.15
N MET A 402 17.15 4.95 11.27
CA MET A 402 18.38 4.18 11.39
C MET A 402 18.21 2.74 10.95
N GLY A 403 19.25 2.21 10.32
CA GLY A 403 19.35 0.77 10.16
C GLY A 403 19.75 0.11 11.46
N GLU A 404 19.61 -1.22 11.48
CA GLU A 404 19.87 -1.99 12.69
C GLU A 404 21.34 -1.82 13.15
N GLU A 405 22.28 -2.11 12.23
CA GLU A 405 23.70 -2.04 12.59
C GLU A 405 24.09 -0.60 12.92
N GLU A 406 23.56 0.35 12.14
CA GLU A 406 23.82 1.76 12.40
C GLU A 406 23.40 2.15 13.83
N ALA A 407 22.22 1.70 14.25
CA ALA A 407 21.74 2.02 15.60
C ALA A 407 22.63 1.40 16.67
N ARG A 408 23.05 0.13 16.49
CA ARG A 408 23.93 -0.49 17.48
C ARG A 408 25.30 0.19 17.55
N ALA A 409 25.85 0.57 16.39
CA ALA A 409 27.16 1.23 16.39
C ALA A 409 27.08 2.57 17.10
N ALA A 410 25.91 3.18 17.16
CA ALA A 410 25.70 4.43 17.91
C ALA A 410 25.49 4.20 19.40
N GLY A 411 25.56 2.98 19.88
CA GLY A 411 25.50 2.71 21.31
C GLY A 411 24.14 2.36 21.89
N HIS A 412 23.11 2.20 21.06
CA HIS A 412 21.75 1.92 21.53
C HIS A 412 21.59 0.43 21.85
N GLU A 413 20.93 0.14 22.96
CA GLU A 413 20.30 -1.17 23.10
C GLU A 413 19.15 -1.20 22.12
N ILE A 414 19.15 -2.15 21.20
CA ILE A 414 18.05 -2.13 20.25
C ILE A 414 17.42 -3.50 20.24
N VAL A 415 16.13 -3.48 19.95
CA VAL A 415 15.43 -4.69 19.57
C VAL A 415 14.90 -4.43 18.17
N THR A 416 14.67 -5.50 17.44
CA THR A 416 14.09 -5.38 16.12
C THR A 416 12.84 -6.23 16.05
N ILE A 417 11.88 -5.76 15.26
CA ILE A 417 10.65 -6.50 15.00
C ILE A 417 10.54 -6.58 13.51
N LYS A 418 10.60 -7.80 12.97
CA LYS A 418 10.75 -7.93 11.54
C LYS A 418 9.94 -9.10 11.03
N MET A 419 9.80 -9.15 9.70
CA MET A 419 9.19 -10.27 9.00
C MET A 419 9.96 -10.47 7.70
N PRO A 420 10.35 -11.72 7.36
CA PRO A 420 10.19 -12.94 8.14
C PRO A 420 11.12 -13.04 9.34
N PRO A 421 10.82 -13.92 10.29
CA PRO A 421 11.70 -14.11 11.45
C PRO A 421 13.02 -14.76 11.06
N ASP A 422 14.00 -14.64 11.95
CA ASP A 422 15.29 -15.31 11.82
C ASP A 422 15.12 -16.77 12.24
N THR A 423 14.98 -17.67 11.26
CA THR A 423 14.91 -19.11 11.52
C THR A 423 15.66 -19.85 10.44
N GLU A 424 15.80 -21.17 10.63
CA GLU A 424 16.46 -22.01 9.63
C GLU A 424 15.72 -21.98 8.30
N ASN A 425 14.41 -21.72 8.30
CA ASN A 425 13.71 -21.66 7.02
C ASN A 425 13.94 -20.34 6.30
N GLY A 426 14.51 -19.34 6.98
CA GLY A 426 14.89 -18.08 6.34
C GLY A 426 13.71 -17.38 5.69
N LEU A 427 13.89 -16.94 4.43
CA LEU A 427 12.86 -16.22 3.70
C LEU A 427 11.75 -17.12 3.20
N ASN A 428 11.94 -18.45 3.24
CA ASN A 428 11.05 -19.39 2.57
C ASN A 428 9.84 -19.70 3.45
N VAL A 429 9.14 -18.64 3.87
CA VAL A 429 7.95 -18.74 4.71
C VAL A 429 6.94 -17.72 4.20
N ALA A 430 5.68 -17.90 4.59
CA ALA A 430 4.59 -17.19 3.93
C ALA A 430 4.32 -15.80 4.49
N LEU A 431 5.22 -15.24 5.28
CA LEU A 431 5.12 -13.84 5.66
C LEU A 431 6.42 -13.14 5.27
N PRO A 432 6.42 -11.81 5.15
CA PRO A 432 5.26 -10.89 5.21
C PRO A 432 4.35 -11.08 4.01
N ALA A 433 3.09 -10.65 4.10
CA ALA A 433 2.15 -10.86 3.01
C ALA A 433 1.06 -9.82 3.10
N SER A 434 0.73 -9.22 1.95
CA SER A 434 -0.32 -8.15 1.85
C SER A 434 -0.74 -7.96 0.39
N ASP A 435 -1.37 -6.83 0.09
CA ASP A 435 -1.83 -6.53 -1.30
C ASP A 435 -0.66 -6.63 -2.28
N ARG A 436 -0.89 -7.32 -3.41
CA ARG A 436 0.08 -7.52 -4.53
C ARG A 436 1.31 -8.34 -4.10
N THR A 437 1.17 -9.20 -3.07
CA THR A 437 2.28 -10.08 -2.60
C THR A 437 1.69 -11.43 -2.16
N MET A 438 0.37 -11.58 -2.27
CA MET A 438 -0.31 -12.82 -1.89
C MET A 438 0.06 -13.97 -2.81
N LEU A 439 0.16 -13.73 -4.12
CA LEU A 439 0.56 -14.79 -5.03
C LEU A 439 1.96 -15.30 -4.71
N TYR A 440 2.92 -14.40 -4.48
CA TYR A 440 4.25 -14.82 -4.01
C TYR A 440 4.14 -15.64 -2.72
N ALA A 441 3.36 -15.14 -1.76
CA ALA A 441 3.23 -15.84 -0.48
C ALA A 441 2.67 -17.25 -0.64
N PHE A 442 1.79 -17.48 -1.61
CA PHE A 442 1.15 -18.79 -1.76
C PHE A 442 1.73 -19.66 -2.87
N GLY A 443 2.56 -19.11 -3.76
CA GLY A 443 2.99 -19.86 -4.92
C GLY A 443 4.01 -20.92 -4.56
N LYS A 444 4.12 -21.93 -5.41
CA LYS A 444 5.10 -22.97 -5.18
C LYS A 444 6.49 -22.40 -5.36
N GLY A 445 7.29 -22.46 -4.29
CA GLY A 445 8.66 -21.99 -4.31
C GLY A 445 8.86 -20.49 -4.46
N THR A 446 7.82 -19.67 -4.26
CA THR A 446 7.95 -18.23 -4.40
C THR A 446 7.85 -17.47 -3.07
N ALA A 447 7.69 -18.16 -1.92
CA ALA A 447 7.40 -17.45 -0.68
C ALA A 447 8.47 -16.45 -0.31
N HIS A 448 9.73 -16.72 -0.67
CA HIS A 448 10.82 -15.80 -0.36
C HIS A 448 10.68 -14.45 -1.05
N MET A 449 9.85 -14.36 -2.08
CA MET A 449 9.60 -13.13 -2.80
C MET A 449 8.47 -12.29 -2.19
N SER A 450 7.90 -12.70 -1.05
CA SER A 450 6.74 -11.96 -0.54
C SER A 450 7.11 -10.69 0.19
N GLY A 451 8.40 -10.42 0.41
CA GLY A 451 8.83 -9.13 0.89
C GLY A 451 9.70 -9.24 2.14
N PHE A 452 10.03 -8.08 2.70
CA PHE A 452 10.88 -8.02 3.89
C PHE A 452 10.59 -6.69 4.58
N GLN A 453 10.55 -6.70 5.91
CA GLN A 453 10.29 -5.44 6.62
C GLN A 453 10.81 -5.52 8.05
N LYS A 454 11.08 -4.35 8.64
CA LYS A 454 11.69 -4.32 9.96
C LYS A 454 11.52 -2.96 10.60
N ILE A 455 11.25 -2.93 11.91
CA ILE A 455 11.45 -1.71 12.68
C ILE A 455 12.55 -1.94 13.71
N VAL A 456 13.31 -0.88 13.94
CA VAL A 456 14.44 -0.83 14.85
C VAL A 456 13.99 0.02 16.03
N ILE A 457 14.08 -0.52 17.25
CA ILE A 457 13.49 0.11 18.44
C ILE A 457 14.58 0.27 19.50
N ASP A 458 14.64 1.45 20.12
CA ASP A 458 15.49 1.63 21.28
C ASP A 458 14.86 0.90 22.46
N ALA A 459 15.59 -0.06 23.03
CA ALA A 459 15.01 -0.90 24.08
C ALA A 459 14.78 -0.13 25.37
N LYS A 460 15.49 0.97 25.58
CA LYS A 460 15.35 1.69 26.85
C LYS A 460 14.25 2.74 26.79
N THR A 461 14.26 3.59 25.74
CA THR A 461 13.20 4.57 25.56
C THR A 461 11.93 3.99 24.95
N ARG A 462 12.02 2.82 24.34
CA ARG A 462 10.96 2.14 23.60
C ARG A 462 10.58 2.88 22.33
N LYS A 463 11.38 3.88 21.91
CA LYS A 463 11.09 4.66 20.71
C LYS A 463 11.55 3.95 19.44
N VAL A 464 10.73 4.07 18.39
CA VAL A 464 11.09 3.57 17.06
C VAL A 464 12.16 4.49 16.47
N LEU A 465 13.31 3.90 16.13
CA LEU A 465 14.45 4.61 15.58
C LEU A 465 14.57 4.48 14.06
N GLY A 466 13.91 3.50 13.45
CA GLY A 466 14.01 3.32 12.02
C GLY A 466 12.97 2.32 11.55
N ALA A 467 12.62 2.43 10.28
CA ALA A 467 11.65 1.51 9.68
C ALA A 467 12.03 1.24 8.22
N HIS A 468 11.78 0.01 7.78
CA HIS A 468 12.30 -0.47 6.50
C HIS A 468 11.32 -1.47 5.90
N HIS A 469 11.06 -1.34 4.61
CA HIS A 469 10.04 -2.18 4.01
C HIS A 469 10.35 -2.42 2.53
N VAL A 470 10.23 -3.68 2.14
CA VAL A 470 10.36 -4.10 0.73
C VAL A 470 9.08 -4.85 0.38
N GLY A 471 8.40 -4.40 -0.66
CA GLY A 471 7.14 -5.01 -1.05
C GLY A 471 6.33 -4.03 -1.87
N TYR A 472 5.05 -3.85 -1.52
CA TYR A 472 4.16 -2.89 -2.18
C TYR A 472 3.22 -2.27 -1.16
N GLY A 473 2.86 -1.00 -1.39
CA GLY A 473 1.79 -0.36 -0.64
C GLY A 473 2.17 0.23 0.71
N ALA A 474 3.47 0.36 1.01
CA ALA A 474 3.94 1.00 2.24
C ALA A 474 4.50 2.39 2.01
N LYS A 475 4.90 2.72 0.77
CA LYS A 475 5.46 4.03 0.46
C LYS A 475 4.61 5.16 1.04
N ASP A 476 3.31 5.14 0.76
CA ASP A 476 2.45 6.23 1.23
C ASP A 476 2.43 6.30 2.77
N ALA A 477 2.40 5.13 3.42
CA ALA A 477 2.35 5.08 4.87
C ALA A 477 3.58 5.67 5.50
N PHE A 478 4.76 5.47 4.88
CA PHE A 478 6.01 6.00 5.44
C PHE A 478 5.99 7.52 5.55
N GLN A 479 5.22 8.20 4.68
CA GLN A 479 5.03 9.65 4.84
C GLN A 479 4.49 10.00 6.22
N TYR A 480 3.43 9.31 6.63
CA TYR A 480 2.72 9.63 7.87
C TYR A 480 3.40 8.99 9.07
N LEU A 481 3.93 7.77 8.87
CA LEU A 481 4.71 7.12 9.92
C LEU A 481 5.91 7.95 10.31
N ASN A 482 6.59 8.57 9.34
CA ASN A 482 7.75 9.38 9.71
C ASN A 482 7.37 10.52 10.61
N VAL A 483 6.21 11.13 10.37
CA VAL A 483 5.75 12.22 11.22
C VAL A 483 5.55 11.74 12.64
N LEU A 484 4.88 10.59 12.78
CA LEU A 484 4.67 10.05 14.14
C LEU A 484 6.00 9.73 14.83
N ILE A 485 6.97 9.20 14.07
CA ILE A 485 8.28 8.90 14.65
C ILE A 485 9.01 10.18 15.05
N LYS A 486 8.91 11.24 14.25
CA LYS A 486 9.50 12.51 14.64
C LYS A 486 8.86 13.08 15.91
N GLN A 487 7.61 12.73 16.18
CA GLN A 487 6.95 13.08 17.43
C GLN A 487 7.37 12.23 18.62
N GLY A 488 8.09 11.13 18.42
CA GLY A 488 8.45 10.28 19.55
C GLY A 488 7.65 9.00 19.71
N LEU A 489 7.34 8.34 18.60
CA LEU A 489 6.53 7.12 18.62
C LEU A 489 7.21 5.97 19.35
N THR A 490 6.52 5.38 20.31
CA THR A 490 7.02 4.20 21.00
C THR A 490 6.36 2.93 20.45
N VAL A 491 6.95 1.79 20.81
CA VAL A 491 6.39 0.51 20.42
C VAL A 491 5.01 0.31 21.05
N ASP A 492 4.78 0.87 22.24
CA ASP A 492 3.46 0.77 22.87
C ASP A 492 2.42 1.57 22.08
N GLU A 493 2.79 2.79 21.66
CA GLU A 493 1.88 3.63 20.88
C GLU A 493 1.60 3.03 19.51
N LEU A 494 2.63 2.45 18.89
CA LEU A 494 2.44 1.74 17.63
C LEU A 494 1.52 0.55 17.82
N GLY A 495 1.74 -0.21 18.87
CA GLY A 495 0.86 -1.36 19.14
C GLY A 495 -0.57 -0.94 19.44
N ASP A 496 -0.77 0.28 19.92
CA ASP A 496 -2.14 0.70 20.31
C ASP A 496 -2.95 1.27 19.14
N MET A 497 -2.40 1.28 17.94
CA MET A 497 -3.15 1.80 16.77
C MET A 497 -4.15 0.75 16.22
N ASP A 498 -4.98 1.17 15.29
CA ASP A 498 -5.95 0.25 14.62
C ASP A 498 -5.35 -0.17 13.28
N GLU A 499 -4.95 -1.43 13.16
CA GLU A 499 -4.33 -1.94 11.91
C GLU A 499 -5.43 -2.40 10.93
N LEU A 500 -5.21 -2.17 9.63
CA LEU A 500 -6.16 -2.57 8.58
C LEU A 500 -5.59 -3.86 7.99
N HIS A 501 -5.82 -4.97 8.67
CA HIS A 501 -5.31 -6.29 8.23
C HIS A 501 -5.93 -6.67 6.87
N LEU A 502 -5.19 -7.34 5.98
CA LEU A 502 -3.73 -7.63 6.01
C LEU A 502 -3.02 -6.38 5.53
N ASN A 503 -2.12 -5.85 6.33
CA ASN A 503 -1.52 -4.54 6.04
C ASN A 503 -0.13 -4.66 5.39
N PRO A 504 0.24 -3.86 4.37
CA PRO A 504 1.61 -3.87 3.84
C PRO A 504 2.68 -3.80 4.94
N THR A 505 2.52 -2.91 5.93
CA THR A 505 3.42 -2.89 7.11
C THR A 505 2.71 -3.61 8.25
N HIS A 506 3.31 -4.63 8.82
CA HIS A 506 2.75 -5.35 9.97
C HIS A 506 3.18 -4.76 11.31
N PHE A 507 3.76 -3.54 11.30
CA PHE A 507 4.41 -2.96 12.48
C PHE A 507 3.45 -2.82 13.67
N ILE A 508 2.20 -2.45 13.41
CA ILE A 508 1.25 -2.21 14.50
C ILE A 508 1.05 -3.48 15.32
N GLN A 509 0.62 -4.56 14.67
CA GLN A 509 0.29 -5.75 15.44
C GLN A 509 1.54 -6.45 15.96
N LEU A 510 2.64 -6.44 15.20
CA LEU A 510 3.84 -7.11 15.69
C LEU A 510 4.39 -6.36 16.91
N SER A 511 4.30 -5.03 16.88
CA SER A 511 4.62 -4.25 18.08
C SER A 511 3.74 -4.65 19.24
N ARG A 512 2.43 -4.78 19.00
CA ARG A 512 1.53 -5.17 20.08
C ARG A 512 1.89 -6.51 20.70
N LEU A 513 2.43 -7.45 19.91
CA LEU A 513 2.85 -8.75 20.42
C LEU A 513 4.00 -8.65 21.43
N ARG A 514 4.84 -7.60 21.35
CA ARG A 514 5.95 -7.48 22.28
C ARG A 514 5.79 -6.40 23.34
N ALA A 515 4.87 -5.44 23.16
CA ALA A 515 4.82 -4.25 24.01
C ALA A 515 4.29 -4.52 25.43
N GLY A 516 3.71 -5.69 25.68
CA GLY A 516 3.22 -6.00 27.01
C GLY A 516 4.31 -6.21 28.05
N SER A 517 5.57 -6.35 27.62
CA SER A 517 6.69 -6.55 28.52
C SER A 517 7.43 -5.23 28.76
N LYS A 518 7.80 -4.98 30.01
CA LYS A 518 8.75 -3.90 30.30
C LYS A 518 10.14 -4.19 29.75
N ASN A 519 10.47 -5.45 29.56
CA ASN A 519 11.78 -5.85 29.02
C ASN A 519 11.54 -6.27 27.57
N LEU A 520 11.82 -5.37 26.62
CA LEU A 520 11.49 -5.68 25.23
C LEU A 520 12.39 -6.78 24.66
N VAL A 521 11.81 -7.60 23.80
CA VAL A 521 12.48 -8.72 23.16
C VAL A 521 12.20 -8.65 21.67
N SER A 522 13.24 -8.89 20.85
CA SER A 522 13.06 -8.88 19.41
C SER A 522 12.09 -9.98 18.99
N LEU A 523 11.49 -9.78 17.81
CA LEU A 523 10.61 -10.74 17.14
C LEU A 523 11.03 -10.91 15.66
N VAL B 3 -2.87 -38.19 22.09
CA VAL B 3 -2.38 -36.87 22.48
C VAL B 3 -0.88 -36.82 22.24
N TRP B 4 -0.44 -35.86 21.42
CA TRP B 4 0.97 -35.63 21.12
C TRP B 4 1.49 -34.60 22.12
N ASN B 5 2.41 -35.00 22.99
CA ASN B 5 3.00 -34.04 23.94
C ASN B 5 4.12 -33.31 23.20
N ALA B 6 3.80 -32.12 22.67
CA ALA B 6 4.71 -31.37 21.82
C ALA B 6 5.60 -30.40 22.57
N ARG B 7 5.49 -30.37 23.90
CA ARG B 7 6.12 -29.30 24.69
C ARG B 7 7.62 -29.20 24.42
N ASN B 8 8.31 -30.34 24.36
CA ASN B 8 9.75 -30.35 24.18
C ASN B 8 10.18 -30.66 22.75
N ASP B 9 9.24 -30.70 21.81
CA ASP B 9 9.58 -30.69 20.39
C ASP B 9 9.67 -29.24 19.93
N HIS B 10 10.58 -28.98 18.97
CA HIS B 10 10.83 -27.62 18.50
C HIS B 10 10.82 -27.60 16.97
N LEU B 11 9.65 -27.80 16.39
CA LEU B 11 9.52 -27.83 14.94
C LEU B 11 9.78 -26.46 14.33
N THR B 12 10.37 -26.47 13.13
CA THR B 12 10.48 -25.25 12.34
C THR B 12 9.11 -24.84 11.81
N ILE B 13 9.08 -23.63 11.25
CA ILE B 13 7.87 -23.14 10.57
C ILE B 13 7.40 -24.14 9.51
N ASN B 14 8.33 -24.62 8.66
CA ASN B 14 7.92 -25.47 7.56
C ASN B 14 7.59 -26.89 8.02
N GLN B 15 8.25 -27.37 9.09
CA GLN B 15 7.86 -28.62 9.72
C GLN B 15 6.47 -28.51 10.33
N TRP B 16 6.17 -27.36 10.98
CA TRP B 16 4.80 -27.16 11.46
C TRP B 16 3.80 -27.18 10.32
N ALA B 17 4.11 -26.51 9.20
CA ALA B 17 3.19 -26.49 8.07
C ALA B 17 2.87 -27.91 7.61
N THR B 18 3.90 -28.74 7.48
CA THR B 18 3.69 -30.13 7.05
C THR B 18 2.87 -30.91 8.08
N ARG B 19 3.22 -30.79 9.37
CA ARG B 19 2.52 -31.53 10.40
C ARG B 19 1.05 -31.14 10.51
N ILE B 20 0.76 -29.84 10.40
CA ILE B 20 -0.63 -29.40 10.47
C ILE B 20 -1.40 -29.95 9.28
N ASP B 21 -0.81 -29.90 8.09
CA ASP B 21 -1.43 -30.50 6.91
C ASP B 21 -1.76 -31.98 7.17
N GLU B 22 -0.79 -32.72 7.73
CA GLU B 22 -1.01 -34.13 8.03
C GLU B 22 -2.18 -34.33 9.00
N ILE B 23 -2.20 -33.54 10.09
CA ILE B 23 -3.25 -33.67 11.10
C ILE B 23 -4.61 -33.32 10.50
N LEU B 24 -4.64 -32.31 9.63
CA LEU B 24 -5.91 -31.90 9.03
C LEU B 24 -6.43 -32.94 8.06
N GLU B 25 -5.54 -33.75 7.49
CA GLU B 25 -5.98 -34.78 6.53
C GLU B 25 -6.14 -36.16 7.16
N ALA B 26 -5.79 -36.33 8.43
CA ALA B 26 -5.88 -37.62 9.08
C ALA B 26 -7.32 -38.13 9.11
N PRO B 27 -7.57 -39.37 8.65
CA PRO B 27 -8.96 -39.87 8.65
C PRO B 27 -9.60 -39.86 10.03
N ASP B 28 -8.85 -40.14 11.08
CA ASP B 28 -9.42 -40.20 12.42
C ASP B 28 -9.44 -38.83 13.13
N GLY B 29 -9.22 -37.73 12.41
CA GLY B 29 -9.23 -36.40 13.01
C GLY B 29 -7.86 -35.87 13.42
N GLY B 30 -6.90 -36.75 13.69
CA GLY B 30 -5.54 -36.39 14.00
C GLY B 30 -5.29 -36.30 15.50
N GLU B 31 -4.01 -36.19 15.84
CA GLU B 31 -3.61 -36.13 17.24
C GLU B 31 -3.94 -34.78 17.83
N VAL B 32 -4.19 -34.77 19.14
CA VAL B 32 -4.26 -33.50 19.89
C VAL B 32 -2.86 -32.94 20.05
N ILE B 33 -2.69 -31.65 19.79
CA ILE B 33 -1.41 -30.97 19.94
C ILE B 33 -1.37 -30.41 21.35
N TYR B 34 -0.54 -30.98 22.21
CA TYR B 34 -0.54 -30.67 23.65
C TYR B 34 0.77 -29.97 24.00
N ASN B 35 0.72 -28.66 24.24
CA ASN B 35 1.90 -27.84 24.49
C ASN B 35 1.67 -27.10 25.81
N VAL B 36 1.85 -27.82 26.91
CA VAL B 36 1.64 -27.32 28.26
C VAL B 36 2.96 -27.46 29.01
N ASP B 37 3.31 -26.44 29.79
CA ASP B 37 4.49 -26.52 30.66
C ASP B 37 4.08 -27.24 31.93
N GLU B 38 4.29 -28.54 31.96
CA GLU B 38 3.85 -29.29 33.13
C GLU B 38 4.76 -29.09 34.34
N ASN B 39 5.89 -28.40 34.18
CA ASN B 39 6.76 -28.10 35.31
C ASN B 39 6.48 -26.75 35.96
N ASP B 40 5.66 -25.91 35.34
CA ASP B 40 5.33 -24.60 35.90
C ASP B 40 4.25 -24.73 36.97
N PRO B 41 4.51 -24.36 38.23
CA PRO B 41 3.50 -24.55 39.26
C PRO B 41 2.47 -23.45 39.35
N ARG B 42 2.63 -22.35 38.60
CA ARG B 42 1.74 -21.20 38.74
C ARG B 42 0.31 -21.53 38.29
N GLU B 43 -0.66 -20.91 38.96
CA GLU B 43 -2.04 -20.97 38.47
C GLU B 43 -2.14 -20.23 37.14
N TYR B 44 -3.11 -20.64 36.33
CA TYR B 44 -3.42 -19.92 35.10
C TYR B 44 -4.19 -18.64 35.45
N ASP B 45 -3.68 -17.51 34.99
CA ASP B 45 -4.45 -16.26 35.11
C ASP B 45 -5.69 -16.31 34.24
N ALA B 46 -5.58 -16.91 33.05
CA ALA B 46 -6.70 -17.03 32.13
C ALA B 46 -6.52 -18.24 31.23
N ILE B 47 -7.64 -18.88 30.92
CA ILE B 47 -7.75 -19.85 29.85
C ILE B 47 -8.55 -19.18 28.74
N PHE B 48 -7.98 -19.16 27.53
CA PHE B 48 -8.62 -18.60 26.34
C PHE B 48 -9.36 -19.71 25.61
N ILE B 49 -10.66 -19.54 25.43
CA ILE B 49 -11.46 -20.50 24.67
C ILE B 49 -11.41 -20.00 23.22
N GLY B 50 -10.53 -20.59 22.43
CA GLY B 50 -10.29 -20.14 21.07
C GLY B 50 -8.94 -19.49 20.95
N GLY B 51 -8.21 -19.85 19.90
CA GLY B 51 -6.89 -19.32 19.64
C GLY B 51 -6.79 -18.58 18.32
N GLY B 52 -7.88 -17.91 17.95
CA GLY B 52 -7.85 -17.03 16.80
C GLY B 52 -7.16 -15.73 17.15
N ALA B 53 -7.44 -14.70 16.34
CA ALA B 53 -6.77 -13.41 16.51
C ALA B 53 -6.92 -12.89 17.94
N ALA B 54 -8.14 -12.96 18.49
CA ALA B 54 -8.41 -12.45 19.83
C ALA B 54 -7.68 -13.27 20.89
N GLY B 55 -7.85 -14.60 20.85
CA GLY B 55 -7.25 -15.46 21.85
C GLY B 55 -5.74 -15.49 21.75
N ARG B 56 -5.20 -15.50 20.53
CA ARG B 56 -3.75 -15.58 20.36
C ARG B 56 -3.08 -14.28 20.78
N PHE B 57 -3.62 -13.14 20.35
CA PHE B 57 -3.01 -11.89 20.78
C PHE B 57 -3.20 -11.65 22.27
N GLY B 58 -4.39 -11.95 22.79
CA GLY B 58 -4.61 -11.83 24.23
C GLY B 58 -3.64 -12.66 25.03
N SER B 59 -3.41 -13.91 24.58
CA SER B 59 -2.42 -14.76 25.24
C SER B 59 -1.03 -14.16 25.17
N ALA B 60 -0.65 -13.67 23.97
CA ALA B 60 0.69 -13.08 23.81
C ALA B 60 0.89 -11.93 24.76
N TYR B 61 -0.13 -11.06 24.89
CA TYR B 61 -0.02 -9.90 25.76
C TYR B 61 0.01 -10.29 27.23
N LEU B 62 -0.86 -11.23 27.62
CA LEU B 62 -0.89 -11.68 29.01
C LEU B 62 0.45 -12.31 29.40
N ARG B 63 0.98 -13.18 28.56
CA ARG B 63 2.27 -13.79 28.83
C ARG B 63 3.37 -12.73 28.91
N ALA B 64 3.36 -11.75 27.99
CA ALA B 64 4.37 -10.69 28.03
C ALA B 64 4.32 -9.89 29.32
N MET B 65 3.11 -9.72 29.88
CA MET B 65 2.97 -9.06 31.17
C MET B 65 3.40 -9.95 32.33
N GLY B 66 3.85 -11.17 32.10
CA GLY B 66 4.23 -12.04 33.19
C GLY B 66 3.15 -12.94 33.75
N GLY B 67 1.99 -13.02 33.11
CA GLY B 67 0.97 -13.94 33.57
C GLY B 67 1.05 -15.29 32.86
N ARG B 68 0.24 -16.23 33.32
CA ARG B 68 0.20 -17.55 32.73
C ARG B 68 -1.14 -17.73 32.02
N GLN B 69 -1.07 -18.24 30.79
CA GLN B 69 -2.25 -18.43 29.96
C GLN B 69 -2.25 -19.84 29.39
N LEU B 70 -3.44 -20.28 28.94
CA LEU B 70 -3.60 -21.62 28.35
C LEU B 70 -4.61 -21.54 27.19
N ILE B 71 -4.11 -21.58 25.95
CA ILE B 71 -4.98 -21.49 24.73
C ILE B 71 -5.54 -22.89 24.44
N VAL B 72 -6.84 -22.98 24.13
CA VAL B 72 -7.49 -24.28 23.82
C VAL B 72 -8.39 -24.09 22.58
N ASP B 73 -7.91 -24.52 21.41
CA ASP B 73 -8.69 -24.38 20.14
C ASP B 73 -8.89 -25.77 19.53
N ARG B 74 -9.93 -25.92 18.70
CA ARG B 74 -10.24 -27.22 18.04
C ARG B 74 -9.42 -27.34 16.75
N TRP B 75 -8.90 -26.21 16.25
CA TRP B 75 -8.09 -26.19 15.01
C TRP B 75 -6.66 -26.65 15.31
N PRO B 76 -6.01 -27.43 14.43
CA PRO B 76 -4.64 -27.90 14.67
C PRO B 76 -3.64 -26.76 14.45
N PHE B 77 -4.13 -25.54 14.36
CA PHE B 77 -3.27 -24.35 14.16
C PHE B 77 -3.87 -23.17 14.93
N LEU B 78 -3.03 -22.18 15.19
CA LEU B 78 -3.47 -20.94 15.85
C LEU B 78 -3.74 -19.89 14.77
N GLY B 79 -4.46 -18.85 15.14
CA GLY B 79 -4.79 -17.77 14.24
C GLY B 79 -6.22 -17.78 13.76
N GLY B 80 -6.96 -18.87 13.98
CA GLY B 80 -8.40 -18.87 13.79
C GLY B 80 -8.81 -18.76 12.32
N SER B 81 -9.92 -18.06 12.09
CA SER B 81 -10.48 -17.99 10.75
C SER B 81 -9.58 -17.22 9.78
N CYS B 82 -8.82 -16.25 10.26
CA CYS B 82 -8.04 -15.36 9.40
C CYS B 82 -7.16 -16.13 8.41
N PRO B 83 -6.26 -17.03 8.84
CA PRO B 83 -5.47 -17.78 7.85
C PRO B 83 -6.23 -18.85 7.10
N HIS B 84 -7.27 -19.43 7.70
CA HIS B 84 -7.86 -20.64 7.14
C HIS B 84 -8.97 -20.38 6.12
N ASN B 85 -9.78 -19.34 6.36
CA ASN B 85 -10.94 -19.15 5.45
C ASN B 85 -11.45 -17.71 5.43
N ALA B 86 -10.74 -16.77 6.04
CA ALA B 86 -11.25 -15.39 6.10
C ALA B 86 -10.38 -14.26 5.51
N CYS B 87 -9.51 -13.65 6.26
CA CYS B 87 -8.76 -12.46 5.75
C CYS B 87 -7.74 -12.93 4.70
N VAL B 88 -7.02 -14.00 4.97
CA VAL B 88 -5.92 -14.43 4.04
C VAL B 88 -6.45 -14.81 2.67
N PRO B 89 -7.37 -15.78 2.54
CA PRO B 89 -7.90 -16.13 1.23
C PRO B 89 -8.55 -14.91 0.56
N HIS B 90 -9.29 -14.11 1.32
CA HIS B 90 -9.92 -12.88 0.81
C HIS B 90 -8.87 -12.03 0.07
N HIS B 91 -7.74 -11.78 0.71
CA HIS B 91 -6.69 -10.92 0.11
C HIS B 91 -6.12 -11.58 -1.14
N LEU B 92 -5.97 -12.89 -1.06
CA LEU B 92 -5.48 -13.64 -2.24
C LEU B 92 -6.43 -13.41 -3.42
N PHE B 93 -7.74 -13.53 -3.17
CA PHE B 93 -8.76 -13.33 -4.20
C PHE B 93 -8.81 -11.86 -4.66
N SER B 94 -8.61 -10.92 -3.74
CA SER B 94 -8.65 -9.52 -4.15
C SER B 94 -7.42 -9.15 -4.98
N ASP B 95 -6.25 -9.70 -4.64
CA ASP B 95 -5.09 -9.58 -5.53
C ASP B 95 -5.45 -10.04 -6.94
N CYS B 96 -6.07 -11.21 -7.03
CA CYS B 96 -6.47 -11.72 -8.35
C CYS B 96 -7.44 -10.77 -9.04
N ALA B 97 -8.41 -10.23 -8.31
CA ALA B 97 -9.41 -9.35 -8.93
C ALA B 97 -8.76 -8.09 -9.52
N ALA B 98 -7.82 -7.49 -8.78
CA ALA B 98 -7.13 -6.29 -9.26
C ALA B 98 -6.25 -6.59 -10.46
N GLU B 99 -5.47 -7.68 -10.40
CA GLU B 99 -4.62 -8.06 -11.53
C GLU B 99 -5.44 -8.40 -12.75
N LEU B 100 -6.60 -9.03 -12.56
CA LEU B 100 -7.44 -9.43 -13.67
C LEU B 100 -8.14 -8.23 -14.30
N MET B 101 -8.56 -7.26 -13.49
CA MET B 101 -9.06 -6.02 -14.07
C MET B 101 -7.99 -5.33 -14.92
N LEU B 102 -6.75 -5.34 -14.45
CA LEU B 102 -5.69 -4.76 -15.26
C LEU B 102 -5.53 -5.52 -16.59
N ALA B 103 -5.43 -6.85 -16.50
CA ALA B 103 -5.24 -7.66 -17.71
C ALA B 103 -6.42 -7.51 -18.68
N ARG B 104 -7.64 -7.44 -18.16
CA ARG B 104 -8.78 -7.30 -19.05
C ARG B 104 -8.84 -5.92 -19.69
N THR B 105 -8.44 -4.88 -18.94
CA THR B 105 -8.41 -3.53 -19.50
C THR B 105 -7.38 -3.42 -20.63
N PHE B 106 -6.20 -4.03 -20.47
CA PHE B 106 -5.15 -3.95 -21.48
C PHE B 106 -4.99 -5.26 -22.23
N SER B 107 -6.07 -6.02 -22.36
CA SER B 107 -6.08 -7.30 -23.08
C SER B 107 -5.43 -7.16 -24.45
N GLY B 108 -4.45 -8.01 -24.72
CA GLY B 108 -3.79 -7.99 -26.02
C GLY B 108 -2.88 -6.80 -26.27
N GLN B 109 -2.49 -6.07 -25.24
CA GLN B 109 -1.55 -4.96 -25.37
C GLN B 109 -0.32 -5.27 -24.53
N TYR B 110 0.83 -4.75 -24.97
CA TYR B 110 2.09 -4.92 -24.24
C TYR B 110 2.29 -6.42 -24.01
N TRP B 111 2.60 -6.86 -22.80
CA TRP B 111 2.76 -8.29 -22.51
C TRP B 111 1.45 -9.01 -22.18
N PHE B 112 0.33 -8.30 -22.17
CA PHE B 112 -0.92 -8.90 -21.66
C PHE B 112 -1.54 -9.87 -22.65
N PRO B 113 -2.09 -11.00 -22.18
CA PRO B 113 -2.74 -11.95 -23.06
C PRO B 113 -4.13 -11.45 -23.50
N ASP B 114 -4.67 -12.09 -24.52
CA ASP B 114 -6.02 -11.72 -24.99
C ASP B 114 -7.01 -12.31 -23.97
N MET B 115 -7.82 -11.45 -23.35
CA MET B 115 -8.77 -11.92 -22.31
C MET B 115 -10.21 -11.99 -22.82
N THR B 116 -10.48 -11.60 -24.06
CA THR B 116 -11.88 -11.60 -24.57
C THR B 116 -12.51 -13.00 -24.46
N VAL B 119 -12.13 -16.94 -19.58
CA VAL B 119 -12.76 -17.29 -18.28
C VAL B 119 -11.73 -17.99 -17.41
N VAL B 120 -11.38 -17.39 -16.28
CA VAL B 120 -10.35 -17.91 -15.34
C VAL B 120 -10.98 -18.95 -14.42
N GLY B 121 -10.23 -19.98 -14.07
CA GLY B 121 -10.73 -21.05 -13.20
C GLY B 121 -10.80 -20.63 -11.75
N ILE B 122 -12.00 -20.59 -11.19
CA ILE B 122 -12.15 -20.23 -9.76
C ILE B 122 -11.55 -21.38 -8.96
N LYS B 123 -11.82 -22.61 -9.37
CA LYS B 123 -11.31 -23.75 -8.60
C LYS B 123 -9.77 -23.74 -8.55
N GLU B 124 -9.07 -23.36 -9.61
CA GLU B 124 -7.60 -23.39 -9.46
C GLU B 124 -7.11 -22.36 -8.46
N VAL B 125 -7.74 -21.20 -8.37
CA VAL B 125 -7.30 -20.18 -7.37
C VAL B 125 -7.61 -20.71 -5.96
N VAL B 126 -8.80 -21.28 -5.76
CA VAL B 126 -9.15 -21.82 -4.42
C VAL B 126 -8.18 -22.95 -4.09
N ASP B 127 -7.87 -23.81 -5.07
CA ASP B 127 -6.90 -24.91 -4.86
C ASP B 127 -5.53 -24.31 -4.51
N LEU B 128 -5.13 -23.23 -5.17
CA LEU B 128 -3.85 -22.57 -4.83
C LEU B 128 -3.89 -22.16 -3.36
N PHE B 129 -4.98 -21.55 -2.92
CA PHE B 129 -5.11 -21.15 -1.49
C PHE B 129 -5.02 -22.37 -0.59
N ARG B 130 -5.77 -23.43 -0.91
CA ARG B 130 -5.78 -24.66 -0.09
C ARG B 130 -4.38 -25.27 -0.01
N ALA B 131 -3.63 -25.24 -1.11
CA ALA B 131 -2.28 -25.80 -1.19
C ALA B 131 -1.27 -24.97 -0.37
N GLY B 132 -1.52 -23.66 -0.22
CA GLY B 132 -0.55 -22.79 0.46
C GLY B 132 -0.95 -22.32 1.85
N ARG B 133 -2.16 -22.58 2.31
CA ARG B 133 -2.64 -22.08 3.63
C ARG B 133 -1.89 -22.68 4.82
N ASN B 134 -1.20 -23.80 4.67
CA ASN B 134 -0.41 -24.39 5.77
C ASN B 134 0.79 -23.50 6.15
N GLY B 135 1.32 -22.70 5.22
CA GLY B 135 2.45 -21.80 5.52
C GLY B 135 2.10 -20.87 6.67
N PRO B 136 1.07 -20.03 6.55
CA PRO B 136 0.65 -19.17 7.65
C PRO B 136 0.35 -19.98 8.91
N HIS B 137 -0.32 -21.13 8.78
CA HIS B 137 -0.60 -21.99 9.95
C HIS B 137 0.70 -22.33 10.66
N GLY B 138 1.71 -22.74 9.93
CA GLY B 138 3.00 -23.10 10.54
C GLY B 138 3.64 -21.93 11.25
N ILE B 139 3.60 -20.76 10.64
CA ILE B 139 4.20 -19.58 11.33
C ILE B 139 3.44 -19.33 12.64
N MET B 140 2.12 -19.39 12.59
CA MET B 140 1.30 -19.16 13.80
C MET B 140 1.70 -20.14 14.90
N ASN B 141 1.79 -21.43 14.61
CA ASN B 141 2.18 -22.40 15.66
C ASN B 141 3.62 -22.16 16.13
N PHE B 142 4.54 -21.90 15.19
CA PHE B 142 5.96 -21.68 15.57
C PHE B 142 6.12 -20.39 16.38
N GLN B 143 5.58 -19.28 15.88
CA GLN B 143 5.74 -18.00 16.59
C GLN B 143 5.15 -18.10 17.99
N SER B 144 3.95 -18.65 18.09
CA SER B 144 3.25 -18.76 19.39
C SER B 144 4.07 -19.56 20.42
N LYS B 145 4.63 -20.67 20.00
CA LYS B 145 5.36 -21.54 20.95
C LYS B 145 6.80 -21.07 21.21
N GLU B 146 7.58 -20.91 20.14
CA GLU B 146 9.03 -20.62 20.29
C GLU B 146 9.35 -19.15 20.53
N GLN B 147 8.53 -18.22 20.05
CA GLN B 147 8.87 -16.78 20.23
C GLN B 147 8.02 -16.11 21.30
N LEU B 148 6.73 -16.44 21.37
CA LEU B 148 5.81 -15.79 22.34
C LEU B 148 5.68 -16.61 23.64
N ASN B 149 6.32 -17.77 23.71
CA ASN B 149 6.34 -18.63 24.92
C ASN B 149 4.90 -18.98 25.38
N LEU B 150 4.00 -19.25 24.45
CA LEU B 150 2.61 -19.56 24.81
C LEU B 150 2.39 -21.07 25.05
N GLU B 151 1.43 -21.35 25.91
CA GLU B 151 0.97 -22.73 26.18
C GLU B 151 -0.33 -22.88 25.40
N TYR B 152 -0.49 -24.01 24.72
CA TYR B 152 -1.73 -24.22 23.95
C TYR B 152 -2.03 -25.71 23.75
N ILE B 153 -3.30 -25.99 23.57
CA ILE B 153 -3.80 -27.35 23.24
C ILE B 153 -4.65 -27.17 22.00
N LEU B 154 -4.23 -27.75 20.89
CA LEU B 154 -4.88 -27.58 19.58
C LEU B 154 -5.47 -28.91 19.12
N ASN B 155 -6.37 -28.82 18.15
CA ASN B 155 -7.09 -29.98 17.56
C ASN B 155 -7.93 -30.64 18.65
N CYS B 156 -8.50 -29.82 19.53
CA CYS B 156 -9.28 -30.35 20.67
C CYS B 156 -10.32 -29.32 21.08
N PRO B 157 -11.63 -29.59 20.97
CA PRO B 157 -12.64 -28.66 21.45
C PRO B 157 -12.52 -28.51 22.97
N ALA B 158 -12.71 -27.29 23.44
CA ALA B 158 -12.63 -27.04 24.89
C ALA B 158 -13.99 -27.37 25.50
N LYS B 159 -13.97 -27.95 26.68
CA LYS B 159 -15.24 -28.25 27.39
C LYS B 159 -15.27 -27.41 28.65
N VAL B 160 -15.97 -26.30 28.58
CA VAL B 160 -16.07 -25.39 29.75
C VAL B 160 -16.97 -26.06 30.80
N ILE B 161 -16.44 -26.29 31.98
CA ILE B 161 -17.18 -26.89 33.11
C ILE B 161 -17.83 -25.76 33.91
N ASP B 162 -17.04 -24.79 34.35
CA ASP B 162 -17.62 -23.62 35.03
C ASP B 162 -16.77 -22.39 34.73
N ASN B 163 -16.96 -21.30 35.48
CA ASN B 163 -16.22 -20.04 35.24
C ASN B 163 -14.73 -20.11 35.63
N HIS B 164 -14.24 -21.17 36.26
CA HIS B 164 -12.81 -21.32 36.60
C HIS B 164 -12.31 -22.68 36.15
N THR B 165 -13.12 -23.44 35.41
CA THR B 165 -12.75 -24.85 35.08
C THR B 165 -13.01 -25.19 33.63
N VAL B 166 -12.01 -25.77 32.97
CA VAL B 166 -12.10 -26.11 31.53
C VAL B 166 -11.45 -27.48 31.31
N GLU B 167 -12.10 -28.33 30.53
CA GLU B 167 -11.51 -29.64 30.21
C GLU B 167 -10.91 -29.60 28.81
N ALA B 168 -9.72 -30.16 28.66
CA ALA B 168 -9.09 -30.25 27.33
C ALA B 168 -8.11 -31.41 27.35
N ALA B 169 -8.10 -32.18 26.27
CA ALA B 169 -7.19 -33.33 26.11
C ALA B 169 -7.31 -34.32 27.27
N GLY B 170 -8.53 -34.57 27.75
CA GLY B 170 -8.79 -35.49 28.87
C GLY B 170 -8.29 -34.99 30.22
N LYS B 171 -8.06 -33.69 30.36
CA LYS B 171 -7.56 -33.14 31.63
C LYS B 171 -8.38 -31.93 32.02
N VAL B 172 -8.40 -31.65 33.32
CA VAL B 172 -9.14 -30.48 33.84
C VAL B 172 -8.12 -29.43 34.25
N PHE B 173 -8.34 -28.22 33.77
CA PHE B 173 -7.45 -27.09 34.10
C PHE B 173 -8.27 -26.06 34.86
N LYS B 174 -7.65 -25.46 35.85
CA LYS B 174 -8.31 -24.39 36.62
C LYS B 174 -7.69 -23.05 36.23
N ALA B 175 -8.47 -21.98 36.17
CA ALA B 175 -7.92 -20.65 35.87
C ALA B 175 -8.61 -19.63 36.75
N LYS B 176 -7.96 -18.51 36.96
CA LYS B 176 -8.56 -17.43 37.75
C LYS B 176 -9.68 -16.80 36.91
N ASN B 177 -9.53 -16.78 35.58
CA ASN B 177 -10.54 -16.18 34.69
C ASN B 177 -10.64 -16.98 33.39
N LEU B 178 -11.75 -16.82 32.68
CA LEU B 178 -11.90 -17.40 31.33
C LEU B 178 -12.00 -16.22 30.37
N ILE B 179 -11.40 -16.34 29.21
CA ILE B 179 -11.57 -15.32 28.15
C ILE B 179 -12.14 -16.07 26.96
N LEU B 180 -13.40 -15.84 26.66
CA LEU B 180 -14.10 -16.53 25.57
C LEU B 180 -13.77 -15.86 24.24
N ALA B 181 -13.20 -16.62 23.32
CA ALA B 181 -12.77 -16.06 22.01
C ALA B 181 -13.05 -17.07 20.89
N VAL B 182 -14.26 -17.59 20.83
CA VAL B 182 -14.65 -18.62 19.84
C VAL B 182 -15.15 -18.01 18.53
N GLY B 183 -15.22 -16.69 18.45
CA GLY B 183 -15.58 -16.00 17.20
C GLY B 183 -17.02 -16.17 16.74
N ALA B 184 -17.21 -16.13 15.43
CA ALA B 184 -18.56 -16.19 14.82
C ALA B 184 -18.57 -17.17 13.64
N GLY B 185 -19.75 -17.71 13.34
CA GLY B 185 -19.92 -18.66 12.23
C GLY B 185 -20.56 -17.97 11.05
N PRO B 186 -20.49 -18.52 9.83
CA PRO B 186 -21.08 -17.89 8.67
C PRO B 186 -22.60 -17.69 8.82
N GLY B 187 -23.09 -16.58 8.29
CA GLY B 187 -24.52 -16.31 8.36
C GLY B 187 -25.24 -17.22 7.39
N THR B 188 -26.45 -17.65 7.73
CA THR B 188 -27.17 -18.48 6.75
C THR B 188 -28.48 -17.81 6.35
N LEU B 189 -29.12 -18.38 5.34
CA LEU B 189 -30.38 -17.90 4.75
C LEU B 189 -31.45 -18.95 5.05
N ASP B 190 -32.60 -18.54 5.57
CA ASP B 190 -33.68 -19.50 5.83
C ASP B 190 -34.59 -19.55 4.62
N VAL B 191 -34.18 -20.25 3.58
CA VAL B 191 -35.00 -20.33 2.34
C VAL B 191 -34.91 -21.75 1.80
N PRO B 192 -35.89 -22.17 1.00
CA PRO B 192 -35.86 -23.48 0.39
C PRO B 192 -34.67 -23.57 -0.57
N GLY B 193 -33.90 -24.64 -0.49
CA GLY B 193 -32.79 -24.89 -1.42
C GLY B 193 -31.47 -24.34 -0.95
N VAL B 194 -31.39 -23.81 0.27
CA VAL B 194 -30.13 -23.19 0.76
C VAL B 194 -29.01 -24.23 0.94
N ASN B 195 -29.36 -25.50 1.16
CA ASN B 195 -28.42 -26.63 1.36
C ASN B 195 -28.10 -27.33 0.04
N ALA B 196 -28.52 -26.77 -1.07
CA ALA B 196 -28.21 -27.36 -2.37
C ALA B 196 -26.70 -27.32 -2.64
N LYS B 197 -26.22 -28.30 -3.39
CA LYS B 197 -24.81 -28.32 -3.81
C LYS B 197 -24.61 -27.11 -4.73
N GLY B 198 -23.57 -26.33 -4.48
CA GLY B 198 -23.35 -25.15 -5.33
C GLY B 198 -23.59 -23.89 -4.54
N VAL B 199 -24.10 -24.04 -3.31
CA VAL B 199 -24.33 -22.87 -2.41
C VAL B 199 -23.13 -22.81 -1.48
N PHE B 200 -22.41 -21.71 -1.49
CA PHE B 200 -21.22 -21.64 -0.61
C PHE B 200 -21.19 -20.35 0.20
N ASP B 201 -20.42 -20.41 1.26
CA ASP B 201 -20.04 -19.23 2.06
C ASP B 201 -18.51 -19.17 2.10
N HIS B 202 -17.94 -18.23 2.84
CA HIS B 202 -16.46 -18.10 2.88
C HIS B 202 -15.80 -19.37 3.44
N ALA B 203 -16.42 -20.02 4.41
CA ALA B 203 -15.86 -21.22 5.05
C ALA B 203 -15.98 -22.44 4.11
N THR B 204 -17.15 -22.67 3.55
CA THR B 204 -17.36 -23.86 2.69
C THR B 204 -16.70 -23.68 1.32
N LEU B 205 -16.48 -22.46 0.86
CA LEU B 205 -15.84 -22.28 -0.46
C LEU B 205 -14.44 -22.89 -0.51
N VAL B 206 -13.69 -22.78 0.58
CA VAL B 206 -12.29 -23.29 0.58
C VAL B 206 -12.22 -24.71 1.13
N GLU B 207 -13.35 -25.39 1.25
CA GLU B 207 -13.33 -26.80 1.75
C GLU B 207 -14.11 -27.72 0.81
N GLU B 208 -15.12 -27.21 0.13
CA GLU B 208 -16.03 -28.10 -0.64
C GLU B 208 -16.17 -27.75 -2.12
N LEU B 209 -15.33 -26.90 -2.69
CA LEU B 209 -15.50 -26.60 -4.13
C LEU B 209 -14.84 -27.72 -4.94
N ASP B 210 -15.64 -28.66 -5.44
CA ASP B 210 -15.12 -29.82 -6.20
C ASP B 210 -15.50 -29.74 -7.67
N TYR B 211 -15.90 -28.56 -8.14
CA TYR B 211 -16.25 -28.38 -9.56
C TYR B 211 -15.91 -26.95 -9.96
N GLU B 212 -15.87 -26.70 -11.25
CA GLU B 212 -15.59 -25.34 -11.74
C GLU B 212 -16.93 -24.69 -12.04
N PRO B 213 -17.31 -23.61 -11.35
CA PRO B 213 -18.56 -22.93 -11.62
C PRO B 213 -18.86 -22.55 -13.08
N GLY B 214 -20.14 -22.35 -13.37
CA GLY B 214 -20.59 -21.93 -14.72
C GLY B 214 -20.41 -20.44 -15.01
N SER B 215 -21.08 -19.96 -16.05
CA SER B 215 -20.88 -18.58 -16.51
C SER B 215 -21.53 -17.51 -15.60
N THR B 216 -22.39 -17.89 -14.67
CA THR B 216 -23.06 -16.88 -13.83
C THR B 216 -22.82 -17.17 -12.35
N VAL B 217 -22.63 -16.12 -11.58
CA VAL B 217 -22.49 -16.29 -10.11
C VAL B 217 -23.52 -15.38 -9.46
N VAL B 218 -24.21 -15.88 -8.44
CA VAL B 218 -25.14 -15.01 -7.68
C VAL B 218 -24.53 -14.82 -6.31
N VAL B 219 -24.31 -13.57 -5.92
CA VAL B 219 -23.76 -13.30 -4.57
C VAL B 219 -24.89 -12.74 -3.72
N VAL B 220 -25.08 -13.29 -2.54
CA VAL B 220 -26.15 -12.78 -1.66
C VAL B 220 -25.53 -11.92 -0.56
N GLY B 221 -25.90 -10.66 -0.52
CA GLY B 221 -25.38 -9.78 0.52
C GLY B 221 -24.63 -8.59 -0.03
N GLY B 222 -24.46 -7.60 0.81
CA GLY B 222 -23.76 -6.38 0.45
C GLY B 222 -22.64 -6.17 1.43
N SER B 223 -22.19 -7.20 2.12
CA SER B 223 -21.05 -6.96 3.05
C SER B 223 -19.74 -6.72 2.30
N LYS B 224 -18.70 -6.39 3.08
CA LYS B 224 -17.35 -6.31 2.51
C LYS B 224 -17.03 -7.67 1.87
N THR B 225 -17.26 -8.75 2.61
CA THR B 225 -17.07 -10.13 2.11
C THR B 225 -17.81 -10.32 0.78
N ALA B 226 -19.07 -9.96 0.72
CA ALA B 226 -19.87 -10.14 -0.51
C ALA B 226 -19.27 -9.35 -1.67
N VAL B 227 -18.87 -8.11 -1.42
CA VAL B 227 -18.32 -7.26 -2.50
C VAL B 227 -16.94 -7.78 -2.89
N GLU B 228 -16.12 -8.15 -1.90
CA GLU B 228 -14.76 -8.64 -2.17
C GLU B 228 -14.83 -9.90 -3.04
N TYR B 229 -15.58 -10.89 -2.61
CA TYR B 229 -15.72 -12.16 -3.38
C TYR B 229 -16.42 -11.88 -4.72
N GLY B 230 -17.45 -11.05 -4.71
CA GLY B 230 -18.16 -10.71 -5.95
C GLY B 230 -17.24 -10.16 -7.02
N CYS B 231 -16.39 -9.21 -6.66
CA CYS B 231 -15.45 -8.61 -7.62
C CYS B 231 -14.49 -9.68 -8.16
N PHE B 232 -14.04 -10.58 -7.31
CA PHE B 232 -13.17 -11.67 -7.76
C PHE B 232 -13.94 -12.55 -8.75
N PHE B 233 -15.16 -12.97 -8.40
CA PHE B 233 -15.90 -13.81 -9.33
C PHE B 233 -16.12 -13.11 -10.67
N ASN B 234 -16.51 -11.82 -10.63
CA ASN B 234 -16.67 -11.06 -11.86
C ASN B 234 -15.36 -11.00 -12.65
N ALA B 235 -14.23 -10.79 -11.97
CA ALA B 235 -12.95 -10.65 -12.64
C ALA B 235 -12.53 -11.95 -13.34
N THR B 236 -12.99 -13.11 -12.86
CA THR B 236 -12.71 -14.35 -13.57
C THR B 236 -13.47 -14.46 -14.89
N GLY B 237 -14.38 -13.55 -15.17
CA GLY B 237 -15.10 -13.55 -16.43
C GLY B 237 -16.55 -14.00 -16.35
N ARG B 238 -17.14 -14.00 -15.17
CA ARG B 238 -18.49 -14.51 -14.99
C ARG B 238 -19.46 -13.36 -14.73
N ARG B 239 -20.65 -13.49 -15.32
CA ARG B 239 -21.75 -12.60 -14.98
C ARG B 239 -22.03 -12.72 -13.49
N THR B 240 -21.96 -11.59 -12.79
CA THR B 240 -22.03 -11.57 -11.34
C THR B 240 -23.18 -10.67 -10.92
N VAL B 241 -24.16 -11.25 -10.25
CA VAL B 241 -25.34 -10.54 -9.77
C VAL B 241 -25.28 -10.50 -8.25
N MET B 242 -25.24 -9.30 -7.69
CA MET B 242 -25.23 -9.13 -6.24
C MET B 242 -26.64 -8.76 -5.77
N LEU B 243 -27.14 -9.55 -4.83
CA LEU B 243 -28.49 -9.30 -4.26
C LEU B 243 -28.30 -8.66 -2.89
N VAL B 244 -28.33 -7.33 -2.86
CA VAL B 244 -28.13 -6.58 -1.58
C VAL B 244 -29.48 -6.39 -0.91
N ARG B 245 -29.56 -6.68 0.39
CA ARG B 245 -30.83 -6.55 1.15
C ARG B 245 -31.25 -5.07 1.23
N THR B 246 -30.28 -4.18 1.49
CA THR B 246 -30.59 -2.74 1.63
C THR B 246 -30.14 -1.78 0.54
N GLU B 247 -28.92 -1.28 0.65
CA GLU B 247 -28.38 -0.35 -0.37
C GLU B 247 -26.90 -0.69 -0.36
N PRO B 248 -26.24 -0.77 -1.52
CA PRO B 248 -24.86 -1.22 -1.54
C PRO B 248 -23.77 -0.30 -0.96
N LEU B 249 -22.83 -0.87 -0.20
CA LEU B 249 -21.65 -0.13 0.19
C LEU B 249 -21.99 1.12 1.02
N LYS B 250 -22.96 0.95 1.92
CA LYS B 250 -23.34 2.00 2.85
C LYS B 250 -22.18 2.41 3.74
N LEU B 251 -21.21 1.51 3.93
CA LEU B 251 -20.05 1.83 4.75
C LEU B 251 -19.24 2.97 4.17
N ILE B 252 -19.35 3.25 2.87
CA ILE B 252 -18.67 4.37 2.25
C ILE B 252 -19.63 5.56 2.39
N LYS B 253 -19.42 6.35 3.43
CA LYS B 253 -20.34 7.43 3.77
C LYS B 253 -20.23 8.60 2.82
N ASP B 254 -19.06 8.84 2.24
CA ASP B 254 -18.91 9.93 1.27
C ASP B 254 -19.61 9.54 -0.03
N ASN B 255 -20.61 10.36 -0.44
CA ASN B 255 -21.46 9.98 -1.57
C ASN B 255 -20.66 9.88 -2.85
N GLU B 256 -19.73 10.82 -3.05
CA GLU B 256 -18.94 10.88 -4.27
C GLU B 256 -18.04 9.66 -4.39
N THR B 257 -17.33 9.31 -3.30
CA THR B 257 -16.49 8.13 -3.28
C THR B 257 -17.30 6.86 -3.55
N ARG B 258 -18.42 6.69 -2.85
CA ARG B 258 -19.26 5.51 -3.07
C ARG B 258 -19.72 5.43 -4.52
N ALA B 259 -20.14 6.55 -5.10
CA ALA B 259 -20.60 6.54 -6.48
C ALA B 259 -19.46 6.15 -7.42
N TYR B 260 -18.25 6.65 -7.18
CA TYR B 260 -17.11 6.24 -8.01
C TYR B 260 -16.91 4.73 -7.95
N VAL B 261 -16.93 4.19 -6.73
CA VAL B 261 -16.69 2.75 -6.53
C VAL B 261 -17.76 1.93 -7.25
N LEU B 262 -19.02 2.29 -7.05
CA LEU B 262 -20.10 1.54 -7.66
C LEU B 262 -20.04 1.64 -9.19
N ASP B 263 -19.72 2.84 -9.70
CA ASP B 263 -19.66 3.02 -11.15
C ASP B 263 -18.59 2.14 -11.76
N ARG B 264 -17.43 2.04 -11.10
CA ARG B 264 -16.37 1.19 -11.62
C ARG B 264 -16.74 -0.28 -11.56
N MET B 265 -17.46 -0.71 -10.50
CA MET B 265 -17.96 -2.09 -10.46
C MET B 265 -18.91 -2.38 -11.60
N LYS B 266 -19.83 -1.46 -11.88
CA LYS B 266 -20.77 -1.71 -12.96
C LYS B 266 -20.07 -1.68 -14.31
N GLU B 267 -19.06 -0.82 -14.46
CA GLU B 267 -18.29 -0.78 -15.70
C GLU B 267 -17.62 -2.12 -15.98
N GLN B 268 -17.22 -2.84 -14.93
CA GLN B 268 -16.66 -4.17 -15.07
C GLN B 268 -17.71 -5.24 -15.39
N GLY B 269 -18.99 -4.86 -15.40
CA GLY B 269 -20.06 -5.76 -15.75
C GLY B 269 -20.88 -6.29 -14.60
N MET B 270 -20.66 -5.81 -13.38
CA MET B 270 -21.40 -6.31 -12.23
C MET B 270 -22.81 -5.73 -12.21
N GLU B 271 -23.78 -6.55 -11.82
CA GLU B 271 -25.16 -6.15 -11.68
C GLU B 271 -25.45 -6.09 -10.18
N ILE B 272 -25.77 -4.90 -9.68
CA ILE B 272 -25.97 -4.69 -8.25
C ILE B 272 -27.44 -4.40 -8.02
N ILE B 273 -28.12 -5.29 -7.30
CA ILE B 273 -29.56 -5.18 -7.07
C ILE B 273 -29.81 -4.84 -5.61
N SER B 274 -30.32 -3.63 -5.35
CA SER B 274 -30.63 -3.15 -4.01
C SER B 274 -32.00 -3.65 -3.57
N GLY B 275 -32.22 -3.60 -2.26
CA GLY B 275 -33.53 -3.94 -1.71
C GLY B 275 -34.01 -5.33 -2.06
N SER B 276 -33.10 -6.30 -2.07
CA SER B 276 -33.39 -7.63 -2.58
C SER B 276 -33.30 -8.69 -1.50
N ASN B 277 -34.18 -9.69 -1.61
CA ASN B 277 -34.22 -10.81 -0.67
C ASN B 277 -34.44 -12.10 -1.44
N VAL B 278 -33.56 -13.08 -1.25
CA VAL B 278 -33.75 -14.38 -1.87
C VAL B 278 -35.02 -15.02 -1.31
N THR B 279 -35.88 -15.48 -2.19
CA THR B 279 -37.04 -16.25 -1.76
C THR B 279 -36.83 -17.76 -1.92
N ARG B 280 -36.09 -18.19 -2.94
CA ARG B 280 -35.80 -19.63 -3.01
C ARG B 280 -34.60 -19.88 -3.90
N ILE B 281 -33.88 -20.95 -3.61
CA ILE B 281 -32.80 -21.44 -4.45
C ILE B 281 -33.30 -22.74 -5.09
N GLU B 282 -33.46 -22.71 -6.41
CA GLU B 282 -33.93 -23.85 -7.19
C GLU B 282 -32.81 -24.84 -7.40
N GLU B 283 -33.13 -26.12 -7.15
CA GLU B 283 -32.28 -27.30 -7.30
C GLU B 283 -32.68 -28.07 -8.55
N ASP B 284 -31.69 -28.57 -9.30
CA ASP B 284 -32.02 -29.49 -10.38
C ASP B 284 -32.15 -30.91 -9.83
N ALA B 285 -32.43 -31.87 -10.73
CA ALA B 285 -32.63 -33.24 -10.30
C ALA B 285 -31.37 -33.88 -9.75
N ASN B 286 -30.20 -33.28 -9.98
CA ASN B 286 -28.98 -33.80 -9.41
C ASN B 286 -28.69 -33.21 -8.03
N GLY B 287 -29.58 -32.38 -7.51
CA GLY B 287 -29.33 -31.75 -6.24
C GLY B 287 -28.44 -30.53 -6.29
N ARG B 288 -28.15 -30.01 -7.48
CA ARG B 288 -27.30 -28.83 -7.60
C ARG B 288 -28.15 -27.60 -7.90
N VAL B 289 -27.69 -26.45 -7.39
CA VAL B 289 -28.36 -25.18 -7.68
C VAL B 289 -28.52 -25.03 -9.17
N GLN B 290 -29.73 -24.64 -9.60
CA GLN B 290 -29.97 -24.24 -10.97
C GLN B 290 -30.47 -22.81 -11.08
N ALA B 291 -30.99 -22.23 -10.00
CA ALA B 291 -31.46 -20.84 -10.13
C ALA B 291 -31.64 -20.23 -8.76
N VAL B 292 -31.63 -18.90 -8.73
CA VAL B 292 -31.95 -18.12 -7.55
C VAL B 292 -33.17 -17.28 -7.88
N VAL B 293 -34.18 -17.32 -7.00
CA VAL B 293 -35.35 -16.46 -7.11
C VAL B 293 -35.34 -15.49 -5.94
N ALA B 294 -35.48 -14.20 -6.25
CA ALA B 294 -35.40 -13.14 -5.26
C ALA B 294 -36.48 -12.11 -5.55
N MET B 295 -37.01 -11.51 -4.48
CA MET B 295 -37.89 -10.35 -4.60
C MET B 295 -37.00 -9.10 -4.62
N THR B 296 -37.25 -8.22 -5.57
CA THR B 296 -36.52 -6.96 -5.71
C THR B 296 -37.50 -5.81 -5.80
N PRO B 297 -37.02 -4.57 -5.70
CA PRO B 297 -37.91 -3.41 -5.91
C PRO B 297 -38.58 -3.41 -7.27
N ASN B 298 -38.08 -4.17 -8.24
CA ASN B 298 -38.72 -4.27 -9.56
C ASN B 298 -39.44 -5.59 -9.76
N GLY B 299 -39.80 -6.26 -8.68
CA GLY B 299 -40.56 -7.49 -8.83
C GLY B 299 -39.67 -8.69 -8.62
N GLU B 300 -40.23 -9.84 -8.96
CA GLU B 300 -39.50 -11.08 -8.79
C GLU B 300 -38.44 -11.20 -9.87
N MET B 301 -37.30 -11.77 -9.51
CA MET B 301 -36.21 -11.97 -10.42
C MET B 301 -35.75 -13.41 -10.27
N ARG B 302 -35.46 -14.06 -11.40
CA ARG B 302 -34.96 -15.42 -11.42
C ARG B 302 -33.67 -15.43 -12.23
N ILE B 303 -32.58 -15.87 -11.61
CA ILE B 303 -31.28 -15.88 -12.22
C ILE B 303 -30.82 -17.32 -12.30
N GLU B 304 -30.58 -17.81 -13.52
CA GLU B 304 -30.04 -19.16 -13.68
C GLU B 304 -28.56 -19.16 -13.35
N THR B 305 -28.15 -20.10 -12.50
CA THR B 305 -26.77 -20.20 -12.04
C THR B 305 -26.58 -21.56 -11.39
N ASP B 306 -25.33 -22.04 -11.39
CA ASP B 306 -24.99 -23.23 -10.64
C ASP B 306 -24.03 -22.92 -9.50
N PHE B 307 -23.94 -21.65 -9.11
CA PHE B 307 -22.97 -21.24 -8.10
C PHE B 307 -23.49 -20.01 -7.38
N VAL B 308 -23.72 -20.14 -6.08
CA VAL B 308 -24.26 -19.07 -5.25
C VAL B 308 -23.30 -18.87 -4.09
N PHE B 309 -22.93 -17.61 -3.84
CA PHE B 309 -22.04 -17.29 -2.73
C PHE B 309 -22.77 -16.40 -1.73
N LEU B 310 -22.86 -16.87 -0.49
CA LEU B 310 -23.53 -16.13 0.57
C LEU B 310 -22.48 -15.31 1.31
N GLY B 311 -22.65 -13.99 1.27
CA GLY B 311 -21.79 -13.10 2.03
C GLY B 311 -22.61 -12.36 3.06
N LEU B 312 -23.24 -13.11 3.98
CA LEU B 312 -24.07 -12.54 5.02
C LEU B 312 -23.23 -12.32 6.28
N GLY B 313 -23.81 -11.59 7.23
CA GLY B 313 -23.08 -11.30 8.45
C GLY B 313 -22.82 -12.57 9.26
N GLU B 314 -21.66 -12.60 9.88
CA GLU B 314 -21.24 -13.70 10.74
C GLU B 314 -22.07 -13.71 12.03
N GLN B 315 -22.24 -14.89 12.61
CA GLN B 315 -23.14 -15.08 13.76
C GLN B 315 -22.34 -15.53 14.98
N PRO B 316 -22.21 -14.70 16.02
CA PRO B 316 -21.41 -15.10 17.20
C PRO B 316 -21.72 -16.49 17.73
N ARG B 317 -20.65 -17.23 18.07
CA ARG B 317 -20.76 -18.61 18.55
C ARG B 317 -21.00 -18.66 20.07
N SER B 318 -22.20 -18.24 20.46
CA SER B 318 -22.49 -18.01 21.87
C SER B 318 -23.38 -19.07 22.52
N ALA B 319 -24.04 -19.93 21.74
CA ALA B 319 -25.13 -20.76 22.27
C ALA B 319 -24.65 -21.68 23.39
N GLU B 320 -23.73 -22.59 23.07
CA GLU B 320 -23.20 -23.54 24.04
C GLU B 320 -22.67 -22.83 25.29
N LEU B 321 -21.82 -21.82 25.09
CA LEU B 321 -21.19 -21.14 26.22
C LEU B 321 -22.23 -20.42 27.06
N ALA B 322 -23.22 -19.79 26.41
CA ALA B 322 -24.26 -19.12 27.18
C ALA B 322 -25.09 -20.12 28.00
N LYS B 323 -25.29 -21.33 27.47
CA LYS B 323 -26.04 -22.32 28.26
C LYS B 323 -25.22 -22.76 29.47
N ILE B 324 -23.94 -23.07 29.27
CA ILE B 324 -23.11 -23.58 30.36
C ILE B 324 -22.91 -22.52 31.45
N LEU B 325 -22.63 -21.28 31.04
CA LEU B 325 -22.22 -20.22 31.95
C LEU B 325 -23.36 -19.33 32.39
N GLY B 326 -24.45 -19.28 31.65
CA GLY B 326 -25.53 -18.35 31.91
C GLY B 326 -25.19 -16.92 31.48
N LEU B 327 -24.60 -16.78 30.30
CA LEU B 327 -24.16 -15.47 29.79
C LEU B 327 -25.32 -14.66 29.25
N ASP B 328 -25.33 -13.37 29.57
CA ASP B 328 -26.29 -12.46 28.95
C ASP B 328 -25.92 -12.23 27.48
N LEU B 329 -26.89 -12.42 26.59
CA LEU B 329 -26.71 -12.27 25.15
C LEU B 329 -27.48 -11.08 24.61
N GLY B 330 -26.99 -10.53 23.50
CA GLY B 330 -27.66 -9.46 22.81
C GLY B 330 -28.58 -9.99 21.74
N PRO B 331 -29.25 -9.08 21.01
CA PRO B 331 -30.29 -9.54 20.06
C PRO B 331 -29.77 -10.41 18.94
N LYS B 332 -28.52 -10.22 18.50
CA LYS B 332 -27.96 -11.01 17.43
C LYS B 332 -27.15 -12.19 17.96
N GLY B 333 -27.33 -12.53 19.23
CA GLY B 333 -26.58 -13.60 19.83
C GLY B 333 -25.20 -13.22 20.29
N GLU B 334 -24.81 -11.95 20.19
CA GLU B 334 -23.51 -11.55 20.68
C GLU B 334 -23.48 -11.64 22.21
N VAL B 335 -22.31 -11.96 22.74
CA VAL B 335 -22.14 -11.97 24.19
C VAL B 335 -21.99 -10.54 24.69
N LEU B 336 -22.82 -10.16 25.66
CA LEU B 336 -22.81 -8.79 26.16
C LEU B 336 -21.63 -8.61 27.11
N VAL B 337 -20.93 -7.48 26.96
CA VAL B 337 -19.79 -7.15 27.80
C VAL B 337 -19.85 -5.68 28.17
N ASN B 338 -19.27 -5.37 29.32
CA ASN B 338 -19.09 -3.96 29.70
C ASN B 338 -17.83 -3.44 29.01
N GLU B 339 -17.39 -2.22 29.34
CA GLU B 339 -16.26 -1.65 28.60
C GLU B 339 -14.92 -2.26 29.00
N TYR B 340 -14.88 -3.11 30.02
CA TYR B 340 -13.68 -3.85 30.38
C TYR B 340 -13.70 -5.27 29.83
N LEU B 341 -14.61 -5.55 28.90
CA LEU B 341 -14.79 -6.84 28.22
C LEU B 341 -15.31 -7.93 29.16
N GLN B 342 -15.89 -7.55 30.29
CA GLN B 342 -16.43 -8.52 31.24
C GLN B 342 -17.86 -8.87 30.83
N THR B 343 -18.16 -10.16 30.80
CA THR B 343 -19.53 -10.62 30.58
C THR B 343 -20.35 -10.45 31.87
N SER B 344 -21.59 -10.95 31.84
CA SER B 344 -22.43 -10.95 33.03
C SER B 344 -21.97 -11.94 34.08
N VAL B 345 -21.01 -12.80 33.77
CA VAL B 345 -20.59 -13.88 34.65
C VAL B 345 -19.25 -13.52 35.27
N PRO B 346 -19.10 -13.59 36.60
CA PRO B 346 -17.84 -13.14 37.20
C PRO B 346 -16.64 -13.93 36.69
N ASN B 347 -15.55 -13.19 36.45
CA ASN B 347 -14.28 -13.73 36.00
C ASN B 347 -14.35 -14.34 34.61
N VAL B 348 -15.37 -13.99 33.82
CA VAL B 348 -15.49 -14.44 32.43
C VAL B 348 -15.54 -13.21 31.53
N TYR B 349 -14.57 -13.10 30.64
CA TYR B 349 -14.47 -12.04 29.64
C TYR B 349 -14.89 -12.60 28.29
N ALA B 350 -15.24 -11.72 27.35
CA ALA B 350 -15.53 -12.14 25.99
C ALA B 350 -14.94 -11.10 25.03
N VAL B 351 -14.41 -11.57 23.91
CA VAL B 351 -13.58 -10.76 23.01
C VAL B 351 -13.82 -11.17 21.57
N GLY B 352 -13.30 -10.35 20.64
CA GLY B 352 -13.35 -10.72 19.24
C GLY B 352 -14.75 -10.72 18.64
N ASP B 353 -14.93 -11.53 17.59
CA ASP B 353 -16.22 -11.59 16.90
C ASP B 353 -17.34 -12.07 17.79
N LEU B 354 -17.01 -12.80 18.87
CA LEU B 354 -18.03 -13.27 19.78
C LEU B 354 -18.81 -12.12 20.41
N ILE B 355 -18.22 -10.93 20.51
CA ILE B 355 -18.96 -9.83 21.13
C ILE B 355 -19.63 -8.95 20.09
N GLY B 356 -19.63 -9.35 18.84
CA GLY B 356 -20.35 -8.60 17.83
C GLY B 356 -19.47 -7.63 17.06
N GLY B 357 -20.15 -6.72 16.37
CA GLY B 357 -19.48 -5.77 15.50
C GLY B 357 -18.78 -4.70 16.30
N PRO B 358 -17.75 -4.06 15.71
CA PRO B 358 -17.22 -4.39 14.37
C PRO B 358 -16.38 -5.67 14.37
N MET B 359 -16.62 -6.53 13.38
CA MET B 359 -15.89 -7.79 13.27
C MET B 359 -14.68 -7.54 12.36
N GLU B 360 -13.60 -7.06 12.98
CA GLU B 360 -12.36 -6.72 12.33
C GLU B 360 -11.21 -7.27 13.15
N MET B 361 -10.07 -7.46 12.48
CA MET B 361 -8.88 -7.99 13.14
C MET B 361 -8.36 -7.06 14.24
N PHE B 362 -8.35 -5.72 13.99
CA PHE B 362 -7.90 -4.81 15.06
C PHE B 362 -8.80 -4.94 16.29
N LYS B 363 -10.12 -5.08 16.08
CA LYS B 363 -11.04 -5.23 17.19
C LYS B 363 -10.76 -6.52 17.95
N ALA B 364 -10.61 -7.62 17.21
CA ALA B 364 -10.36 -8.90 17.85
C ALA B 364 -9.06 -8.88 18.66
N ARG B 365 -7.97 -8.40 18.05
CA ARG B 365 -6.68 -8.44 18.72
C ARG B 365 -6.65 -7.49 19.91
N LYS B 366 -7.18 -6.28 19.75
CA LYS B 366 -7.12 -5.32 20.83
C LYS B 366 -8.07 -5.72 21.95
N SER B 367 -9.24 -6.26 21.63
CA SER B 367 -10.13 -6.71 22.71
C SER B 367 -9.48 -7.86 23.47
N GLY B 368 -8.80 -8.76 22.77
CA GLY B 368 -8.07 -9.82 23.47
C GLY B 368 -7.02 -9.26 24.42
N CYS B 369 -6.23 -8.30 23.94
CA CYS B 369 -5.20 -7.70 24.78
C CYS B 369 -5.79 -6.91 25.95
N TYR B 370 -6.86 -6.15 25.72
CA TYR B 370 -7.41 -5.37 26.84
C TYR B 370 -8.03 -6.29 27.89
N ALA B 371 -8.70 -7.37 27.45
CA ALA B 371 -9.18 -8.36 28.42
C ALA B 371 -8.02 -8.92 29.24
N ALA B 372 -6.91 -9.24 28.58
CA ALA B 372 -5.74 -9.75 29.28
C ALA B 372 -5.19 -8.76 30.30
N ARG B 373 -5.15 -7.49 29.93
CA ARG B 373 -4.66 -6.48 30.86
C ARG B 373 -5.56 -6.36 32.08
N ASN B 374 -6.87 -6.38 31.87
CA ASN B 374 -7.80 -6.37 33.00
C ASN B 374 -7.61 -7.60 33.89
N VAL B 375 -7.44 -8.77 33.28
CA VAL B 375 -7.17 -9.99 34.05
C VAL B 375 -5.91 -9.82 34.90
N MET B 376 -4.93 -9.11 34.37
CA MET B 376 -3.66 -8.94 35.08
C MET B 376 -3.66 -7.73 36.01
N GLY B 377 -4.83 -7.17 36.31
CA GLY B 377 -4.94 -6.10 37.29
C GLY B 377 -4.81 -4.70 36.74
N GLU B 378 -4.77 -4.53 35.41
CA GLU B 378 -4.64 -3.21 34.78
C GLU B 378 -6.02 -2.86 34.25
N LYS B 379 -6.79 -2.12 35.07
CA LYS B 379 -8.12 -1.66 34.67
C LYS B 379 -8.04 -0.79 33.42
N ILE B 380 -8.55 -1.30 32.29
CA ILE B 380 -8.46 -0.53 31.06
C ILE B 380 -9.72 -0.81 30.25
N SER B 381 -10.34 0.24 29.73
CA SER B 381 -11.57 0.14 28.98
C SER B 381 -11.28 0.12 27.49
N TYR B 382 -12.17 -0.52 26.73
CA TYR B 382 -12.03 -0.60 25.28
C TYR B 382 -13.38 -0.37 24.64
N THR B 383 -13.50 0.72 23.90
CA THR B 383 -14.70 1.06 23.13
C THR B 383 -14.25 1.49 21.74
N PRO B 384 -14.29 0.60 20.75
CA PRO B 384 -13.81 0.97 19.42
C PRO B 384 -14.72 2.01 18.76
N LYS B 385 -14.13 3.12 18.31
CA LYS B 385 -14.77 3.97 17.30
C LYS B 385 -13.73 4.99 16.81
N ASN B 386 -14.08 5.76 15.78
CA ASN B 386 -13.15 6.62 15.06
C ASN B 386 -11.94 5.80 14.60
N TYR B 387 -12.23 4.65 13.99
CA TYR B 387 -11.18 3.83 13.41
C TYR B 387 -11.21 3.93 11.88
N PRO B 388 -10.10 3.71 11.20
CA PRO B 388 -10.13 3.68 9.74
C PRO B 388 -10.71 2.36 9.26
N ASP B 389 -11.09 2.34 7.99
CA ASP B 389 -11.74 1.14 7.46
C ASP B 389 -11.39 1.00 5.99
N PHE B 390 -11.59 -0.20 5.46
CA PHE B 390 -11.30 -0.39 4.05
C PHE B 390 -12.02 -1.63 3.57
N LEU B 391 -12.15 -1.73 2.25
CA LEU B 391 -12.64 -2.94 1.61
C LEU B 391 -12.05 -3.02 0.22
N HIS B 392 -12.12 -4.21 -0.38
CA HIS B 392 -11.72 -4.37 -1.77
C HIS B 392 -12.94 -4.43 -2.68
N THR B 393 -12.81 -3.79 -3.85
CA THR B 393 -13.62 -4.16 -4.99
C THR B 393 -12.52 -4.62 -5.94
N HIS B 394 -12.55 -4.37 -7.19
CA HIS B 394 -11.32 -4.44 -7.96
C HIS B 394 -10.23 -3.44 -7.57
N TYR B 395 -10.57 -2.45 -6.75
CA TYR B 395 -9.68 -1.46 -6.15
C TYR B 395 -9.60 -1.66 -4.65
N GLU B 396 -8.62 -1.00 -4.04
CA GLU B 396 -8.61 -0.79 -2.60
C GLU B 396 -9.40 0.47 -2.29
N VAL B 397 -10.32 0.38 -1.33
CA VAL B 397 -11.20 1.50 -0.95
C VAL B 397 -10.96 1.76 0.52
N SER B 398 -10.45 2.96 0.83
CA SER B 398 -10.03 3.32 2.17
C SER B 398 -10.79 4.55 2.64
N PHE B 399 -11.20 4.57 3.90
CA PHE B 399 -11.97 5.70 4.38
C PHE B 399 -11.81 5.82 5.90
N LEU B 400 -11.80 7.07 6.35
CA LEU B 400 -11.81 7.39 7.77
C LEU B 400 -12.58 8.68 7.96
N GLY B 401 -13.15 8.84 9.15
CA GLY B 401 -13.78 10.09 9.50
C GLY B 401 -15.05 10.34 8.69
N MET B 402 -15.33 11.62 8.47
CA MET B 402 -16.60 12.03 7.89
C MET B 402 -16.53 12.15 6.38
N GLY B 403 -17.60 11.74 5.72
CA GLY B 403 -17.82 12.09 4.33
C GLY B 403 -18.21 13.56 4.22
N GLU B 404 -18.20 14.06 2.98
CA GLU B 404 -18.50 15.47 2.74
C GLU B 404 -19.91 15.84 3.22
N GLU B 405 -20.93 15.09 2.79
CA GLU B 405 -22.30 15.41 3.19
C GLU B 405 -22.50 15.22 4.69
N GLU B 406 -21.90 14.18 5.27
CA GLU B 406 -21.99 13.96 6.71
C GLU B 406 -21.39 15.13 7.49
N ALA B 407 -20.25 15.66 7.03
CA ALA B 407 -19.64 16.80 7.72
C ALA B 407 -20.52 18.02 7.65
N ARG B 408 -21.09 18.30 6.47
CA ARG B 408 -22.01 19.43 6.37
C ARG B 408 -23.22 19.24 7.27
N ALA B 409 -23.78 18.03 7.28
CA ALA B 409 -24.94 17.73 8.12
C ALA B 409 -24.64 17.85 9.61
N ALA B 410 -23.38 17.70 9.99
CA ALA B 410 -22.96 17.89 11.37
C ALA B 410 -22.66 19.35 11.69
N GLY B 411 -22.91 20.26 10.76
CA GLY B 411 -22.81 21.68 11.04
C GLY B 411 -21.50 22.33 10.67
N HIS B 412 -20.61 21.62 9.98
CA HIS B 412 -19.32 22.18 9.61
C HIS B 412 -19.41 22.95 8.29
N GLU B 413 -18.82 24.14 8.27
CA GLU B 413 -18.36 24.74 7.03
C GLU B 413 -17.15 23.96 6.54
N ILE B 414 -17.22 23.43 5.33
CA ILE B 414 -16.13 22.58 4.85
C ILE B 414 -15.63 23.04 3.49
N VAL B 415 -14.36 22.73 3.25
CA VAL B 415 -13.77 22.71 1.93
C VAL B 415 -13.28 21.29 1.69
N THR B 416 -13.11 20.94 0.43
CA THR B 416 -12.59 19.63 0.10
C THR B 416 -11.41 19.77 -0.84
N ILE B 417 -10.50 18.82 -0.74
CA ILE B 417 -9.37 18.74 -1.65
C ILE B 417 -9.39 17.34 -2.24
N LYS B 418 -9.53 17.25 -3.55
CA LYS B 418 -9.78 15.98 -4.20
C LYS B 418 -9.06 15.88 -5.53
N MET B 419 -8.99 14.65 -6.04
CA MET B 419 -8.44 14.34 -7.34
C MET B 419 -9.34 13.24 -7.91
N PRO B 420 -9.75 13.34 -9.18
CA PRO B 420 -9.51 14.44 -10.12
C PRO B 420 -10.35 15.67 -9.78
N PRO B 421 -10.01 16.84 -10.33
CA PRO B 421 -10.83 18.03 -10.09
C PRO B 421 -12.19 17.94 -10.77
N ASP B 422 -13.13 18.76 -10.28
CA ASP B 422 -14.44 18.90 -10.91
C ASP B 422 -14.30 19.83 -12.10
N THR B 423 -14.20 19.25 -13.31
CA THR B 423 -14.12 20.04 -14.54
C THR B 423 -14.97 19.39 -15.61
N GLU B 424 -15.04 20.05 -16.77
CA GLU B 424 -15.78 19.50 -17.90
C GLU B 424 -15.24 18.15 -18.34
N ASN B 425 -13.95 17.90 -18.14
CA ASN B 425 -13.35 16.63 -18.50
C ASN B 425 -13.59 15.51 -17.48
N GLY B 426 -14.10 15.85 -16.30
CA GLY B 426 -14.48 14.84 -15.32
C GLY B 426 -13.32 13.95 -14.94
N LEU B 427 -13.58 12.64 -14.93
CA LEU B 427 -12.59 11.65 -14.54
C LEU B 427 -11.56 11.40 -15.63
N ASN B 428 -11.81 11.89 -16.86
CA ASN B 428 -10.99 11.54 -18.01
C ASN B 428 -9.76 12.42 -18.10
N VAL B 429 -8.97 12.45 -17.00
CA VAL B 429 -7.72 13.18 -16.90
C VAL B 429 -6.73 12.27 -16.17
N ALA B 430 -5.44 12.58 -16.33
CA ALA B 430 -4.42 11.62 -15.93
C ALA B 430 -4.08 11.70 -14.43
N LEU B 431 -4.91 12.32 -13.60
CA LEU B 431 -4.75 12.25 -12.16
C LEU B 431 -6.04 11.72 -11.53
N PRO B 432 -5.97 11.16 -10.31
CA PRO B 432 -4.74 10.86 -9.55
C PRO B 432 -3.95 9.74 -10.22
N ALA B 433 -2.68 9.59 -9.87
CA ALA B 433 -1.85 8.55 -10.46
C ALA B 433 -0.71 8.26 -9.50
N SER B 434 -0.38 6.99 -9.38
CA SER B 434 0.70 6.53 -8.51
C SER B 434 0.95 5.05 -8.83
N ASP B 435 1.69 4.37 -7.97
CA ASP B 435 1.97 2.95 -8.18
C ASP B 435 0.67 2.17 -8.40
N ARG B 436 0.69 1.34 -9.45
CA ARG B 436 -0.39 0.44 -9.89
C ARG B 436 -1.60 1.16 -10.46
N THR B 437 -1.55 2.46 -10.67
CA THR B 437 -2.54 3.14 -11.51
C THR B 437 -1.92 3.89 -12.69
N MET B 438 -0.62 3.70 -12.93
CA MET B 438 0.04 4.45 -14.03
C MET B 438 -0.49 3.98 -15.39
N LEU B 439 -0.68 2.69 -15.61
CA LEU B 439 -1.20 2.21 -16.91
C LEU B 439 -2.59 2.82 -17.18
N TYR B 440 -3.47 2.80 -16.19
CA TYR B 440 -4.81 3.40 -16.32
C TYR B 440 -4.68 4.90 -16.65
N ALA B 441 -3.81 5.59 -15.92
CA ALA B 441 -3.59 7.03 -16.14
C ALA B 441 -3.15 7.33 -17.58
N PHE B 442 -2.31 6.50 -18.16
CA PHE B 442 -1.76 6.78 -19.51
C PHE B 442 -2.49 6.06 -20.66
N GLY B 443 -3.24 5.01 -20.37
CA GLY B 443 -3.89 4.19 -21.41
C GLY B 443 -4.94 4.92 -22.21
N LYS B 444 -5.18 4.48 -23.42
CA LYS B 444 -6.21 5.11 -24.29
C LYS B 444 -7.59 4.86 -23.69
N GLY B 445 -8.25 5.92 -23.25
CA GLY B 445 -9.60 5.85 -22.70
C GLY B 445 -9.70 5.22 -21.33
N THR B 446 -8.59 5.04 -20.62
CA THR B 446 -8.67 4.37 -19.30
C THR B 446 -8.42 5.35 -18.15
N ALA B 447 -8.13 6.62 -18.44
CA ALA B 447 -7.80 7.62 -17.40
C ALA B 447 -8.82 7.67 -16.26
N HIS B 448 -10.12 7.53 -16.54
CA HIS B 448 -11.16 7.54 -15.49
C HIS B 448 -10.91 6.42 -14.46
N MET B 449 -10.17 5.39 -14.84
CA MET B 449 -9.91 4.29 -13.92
C MET B 449 -8.72 4.55 -13.00
N SER B 450 -8.09 5.72 -13.08
CA SER B 450 -6.87 5.91 -12.29
C SER B 450 -7.15 6.21 -10.82
N GLY B 451 -8.41 6.36 -10.41
CA GLY B 451 -8.74 6.42 -9.01
C GLY B 451 -9.50 7.69 -8.64
N PHE B 452 -9.73 7.83 -7.34
CA PHE B 452 -10.47 8.96 -6.79
C PHE B 452 -10.08 9.15 -5.33
N GLN B 453 -9.94 10.40 -4.91
CA GLN B 453 -9.57 10.62 -3.53
C GLN B 453 -9.99 12.02 -3.11
N LYS B 454 -10.20 12.18 -1.79
CA LYS B 454 -10.71 13.43 -1.24
C LYS B 454 -10.40 13.50 0.26
N ILE B 455 -10.02 14.69 0.72
CA ILE B 455 -10.04 15.02 2.15
C ILE B 455 -11.08 16.11 2.37
N VAL B 456 -11.73 16.03 3.52
CA VAL B 456 -12.78 16.94 3.94
C VAL B 456 -12.19 17.77 5.08
N ILE B 457 -12.27 19.09 4.98
CA ILE B 457 -11.59 20.01 5.89
C ILE B 457 -12.59 21.01 6.45
N ASP B 458 -12.54 21.26 7.77
CA ASP B 458 -13.33 22.32 8.37
C ASP B 458 -12.74 23.67 7.98
N ALA B 459 -13.58 24.53 7.37
CA ALA B 459 -13.08 25.77 6.80
C ALA B 459 -12.61 26.74 7.88
N LYS B 460 -13.13 26.63 9.11
CA LYS B 460 -12.77 27.53 10.19
C LYS B 460 -11.59 27.04 11.02
N THR B 461 -11.66 25.79 11.52
CA THR B 461 -10.55 25.25 12.32
C THR B 461 -9.39 24.77 11.46
N ARG B 462 -9.62 24.56 10.16
CA ARG B 462 -8.66 24.00 9.24
C ARG B 462 -8.34 22.55 9.55
N LYS B 463 -9.11 21.90 10.42
CA LYS B 463 -8.87 20.51 10.77
C LYS B 463 -9.37 19.60 9.65
N VAL B 464 -8.63 18.53 9.42
CA VAL B 464 -9.06 17.46 8.53
C VAL B 464 -10.11 16.63 9.27
N LEU B 465 -11.30 16.52 8.68
CA LEU B 465 -12.42 15.80 9.25
C LEU B 465 -12.62 14.40 8.67
N GLY B 466 -12.09 14.12 7.48
CA GLY B 466 -12.29 12.82 6.86
C GLY B 466 -11.39 12.66 5.66
N ALA B 467 -11.11 11.40 5.33
CA ALA B 467 -10.25 11.09 4.19
C ALA B 467 -10.79 9.86 3.50
N HIS B 468 -10.67 9.85 2.17
CA HIS B 468 -11.31 8.84 1.32
C HIS B 468 -10.42 8.60 0.10
N HIS B 469 -10.23 7.33 -0.25
CA HIS B 469 -9.31 7.01 -1.32
C HIS B 469 -9.76 5.75 -2.04
N VAL B 470 -9.72 5.80 -3.37
CA VAL B 470 -9.96 4.65 -4.23
C VAL B 470 -8.76 4.51 -5.14
N GLY B 471 -8.14 3.34 -5.11
CA GLY B 471 -6.92 3.16 -5.90
C GLY B 471 -6.14 2.01 -5.33
N TYR B 472 -4.83 2.18 -5.14
CA TYR B 472 -3.97 1.16 -4.55
C TYR B 472 -2.92 1.85 -3.70
N GLY B 473 -2.50 1.18 -2.62
CA GLY B 473 -1.35 1.62 -1.86
C GLY B 473 -1.60 2.71 -0.83
N ALA B 474 -2.84 3.03 -0.48
CA ALA B 474 -3.15 3.99 0.56
C ALA B 474 -3.66 3.36 1.85
N LYS B 475 -4.17 2.12 1.78
CA LYS B 475 -4.68 1.39 2.94
C LYS B 475 -3.72 1.45 4.13
N ASP B 476 -2.47 1.08 3.89
CA ASP B 476 -1.49 1.08 4.98
C ASP B 476 -1.34 2.48 5.55
N ALA B 477 -1.36 3.49 4.67
CA ALA B 477 -1.22 4.87 5.10
C ALA B 477 -2.35 5.28 6.02
N PHE B 478 -3.58 4.83 5.73
CA PHE B 478 -4.73 5.27 6.52
C PHE B 478 -4.63 4.83 7.98
N GLN B 479 -3.91 3.75 8.29
CA GLN B 479 -3.64 3.39 9.68
C GLN B 479 -2.97 4.55 10.43
N TYR B 480 -1.92 5.11 9.84
CA TYR B 480 -1.12 6.12 10.51
C TYR B 480 -1.74 7.50 10.39
N LEU B 481 -2.32 7.78 9.22
CA LEU B 481 -3.04 9.02 9.02
C LEU B 481 -4.20 9.16 10.00
N ASN B 482 -4.92 8.07 10.29
CA ASN B 482 -6.02 8.20 11.23
C ASN B 482 -5.54 8.65 12.60
N VAL B 483 -4.38 8.16 13.05
CA VAL B 483 -3.82 8.60 14.32
C VAL B 483 -3.53 10.10 14.29
N LEU B 484 -2.90 10.55 13.21
CA LEU B 484 -2.61 11.99 13.11
C LEU B 484 -3.89 12.82 13.13
N ILE B 485 -4.94 12.35 12.44
CA ILE B 485 -6.20 13.08 12.42
C ILE B 485 -6.87 13.09 13.80
N LYS B 486 -6.80 11.96 14.54
CA LYS B 486 -7.35 11.96 15.89
C LYS B 486 -6.61 12.93 16.81
N GLN B 487 -5.34 13.21 16.50
CA GLN B 487 -4.58 14.22 17.23
C GLN B 487 -4.99 15.64 16.88
N GLY B 488 -5.76 15.86 15.82
CA GLY B 488 -6.14 17.23 15.45
C GLY B 488 -5.39 17.86 14.28
N LEU B 489 -5.13 17.05 13.25
CA LEU B 489 -4.35 17.45 12.09
C LEU B 489 -5.04 18.55 11.28
N THR B 490 -4.31 19.63 11.00
CA THR B 490 -4.81 20.70 10.15
C THR B 490 -4.27 20.55 8.73
N VAL B 491 -4.89 21.29 7.81
CA VAL B 491 -4.41 21.29 6.43
C VAL B 491 -2.99 21.84 6.37
N ASP B 492 -2.64 22.75 7.28
CA ASP B 492 -1.29 23.30 7.29
C ASP B 492 -0.26 22.25 7.70
N GLU B 493 -0.55 21.50 8.76
CA GLU B 493 0.38 20.46 9.20
C GLU B 493 0.49 19.37 8.16
N LEU B 494 -0.62 19.01 7.52
CA LEU B 494 -0.56 18.04 6.44
C LEU B 494 0.31 18.55 5.30
N GLY B 495 0.15 19.82 4.90
CA GLY B 495 0.98 20.39 3.86
C GLY B 495 2.46 20.40 4.18
N ASP B 496 2.81 20.45 5.47
CA ASP B 496 4.20 20.56 5.89
C ASP B 496 4.91 19.22 6.06
N MET B 497 4.27 18.10 5.73
CA MET B 497 4.96 16.82 5.79
C MET B 497 5.86 16.62 4.57
N ASP B 498 6.62 15.54 4.57
CA ASP B 498 7.50 15.19 3.44
C ASP B 498 6.78 14.13 2.61
N GLU B 499 6.32 14.47 1.41
CA GLU B 499 5.63 13.45 0.60
C GLU B 499 6.67 12.57 -0.10
N LEU B 500 6.24 11.39 -0.52
CA LEU B 500 7.07 10.47 -1.32
C LEU B 500 6.41 10.38 -2.70
N HIS B 501 6.67 11.35 -3.54
CA HIS B 501 6.07 11.45 -4.89
C HIS B 501 6.57 10.29 -5.74
N LEU B 502 5.77 9.74 -6.66
CA LEU B 502 4.31 9.91 -6.82
C LEU B 502 3.64 9.11 -5.73
N ASN B 503 2.78 9.75 -4.96
CA ASN B 503 2.20 9.06 -3.79
C ASN B 503 0.75 8.63 -4.00
N PRO B 504 0.37 7.42 -3.54
CA PRO B 504 -1.02 6.95 -3.57
C PRO B 504 -1.98 8.06 -3.07
N THR B 505 -1.71 8.65 -1.91
CA THR B 505 -2.46 9.84 -1.49
C THR B 505 -1.68 11.09 -1.87
N HIS B 506 -2.35 12.01 -2.56
CA HIS B 506 -1.75 13.29 -2.90
C HIS B 506 -2.04 14.37 -1.85
N PHE B 507 -2.53 13.97 -0.67
CA PHE B 507 -3.06 14.91 0.31
C PHE B 507 -2.00 15.93 0.78
N ILE B 508 -0.75 15.50 0.93
CA ILE B 508 0.28 16.40 1.46
C ILE B 508 0.50 17.59 0.53
N GLN B 509 0.86 17.31 -0.73
CA GLN B 509 1.20 18.41 -1.63
C GLN B 509 -0.03 19.23 -2.02
N LEU B 510 -1.18 18.59 -2.18
CA LEU B 510 -2.37 19.36 -2.53
C LEU B 510 -2.79 20.26 -1.36
N SER B 511 -2.66 19.77 -0.12
CA SER B 511 -2.85 20.63 1.03
C SER B 511 -1.89 21.82 0.99
N ARG B 512 -0.62 21.56 0.68
CA ARG B 512 0.36 22.64 0.62
C ARG B 512 -0.05 23.68 -0.43
N LEU B 513 -0.69 23.26 -1.53
CA LEU B 513 -1.12 24.20 -2.57
C LEU B 513 -2.17 25.19 -2.07
N ARG B 514 -2.97 24.83 -1.06
CA ARG B 514 -4.02 25.69 -0.55
C ARG B 514 -3.72 26.28 0.83
N ALA B 515 -2.74 25.75 1.55
CA ALA B 515 -2.55 26.13 2.95
C ALA B 515 -2.04 27.55 3.13
N GLY B 516 -1.57 28.19 2.05
CA GLY B 516 -1.07 29.55 2.15
C GLY B 516 -2.12 30.62 2.39
N SER B 517 -3.41 30.31 2.20
CA SER B 517 -4.50 31.29 2.33
C SER B 517 -5.14 31.25 3.72
N LYS B 518 -5.44 32.44 4.26
CA LYS B 518 -6.27 32.54 5.47
C LYS B 518 -7.65 31.96 5.23
N ASN B 519 -8.18 32.15 4.01
CA ASN B 519 -9.51 31.71 3.60
C ASN B 519 -9.36 30.54 2.63
N LEU B 520 -9.61 29.33 3.14
CA LEU B 520 -9.36 28.11 2.37
C LEU B 520 -10.32 27.98 1.20
N VAL B 521 -9.82 27.41 0.10
CA VAL B 521 -10.59 27.19 -1.12
C VAL B 521 -10.34 25.76 -1.59
N SER B 522 -11.40 25.08 -2.02
CA SER B 522 -11.30 23.71 -2.51
C SER B 522 -10.39 23.62 -3.73
PA FDA C . 12.84 20.84 -12.53
O1A FDA C . 11.66 20.07 -12.35
O2A FDA C . 13.82 20.30 -13.43
O5B FDA C . 12.40 22.25 -13.08
C5B FDA C . 13.26 23.14 -13.76
C4B FDA C . 12.50 23.95 -14.80
O4B FDA C . 13.25 25.11 -15.15
C3B FDA C . 12.31 23.21 -16.08
O3B FDA C . 10.96 23.30 -16.39
C2B FDA C . 13.08 23.96 -17.14
O2B FDA C . 12.34 24.09 -18.33
C1B FDA C . 13.21 25.32 -16.55
N9A FDA C . 14.41 26.02 -16.99
C8A FDA C . 15.68 25.64 -16.92
N7A FDA C . 16.51 26.56 -17.43
C5A FDA C . 15.76 27.57 -17.82
C6A FDA C . 15.97 28.90 -18.43
N6A FDA C . 17.21 29.30 -18.74
N1A FDA C . 14.91 29.65 -18.67
C2A FDA C . 13.69 29.23 -18.38
N3A FDA C . 13.42 28.07 -17.82
C4A FDA C . 14.38 27.21 -17.53
N1 FDA C . 11.77 12.80 -7.02
C2 FDA C . 10.83 12.25 -6.26
O2 FDA C . 10.49 12.84 -5.27
N3 FDA C . 10.28 11.07 -6.53
C4 FDA C . 10.59 10.35 -7.60
O4 FDA C . 10.07 9.27 -7.84
C4X FDA C . 11.59 10.92 -8.51
N5 FDA C . 11.98 10.29 -9.60
C5X FDA C . 12.89 10.82 -10.42
C6 FDA C . 13.27 10.14 -11.55
C7 FDA C . 14.24 10.64 -12.37
C7M FDA C . 14.63 9.90 -13.60
C8 FDA C . 14.85 11.94 -12.07
C8M FDA C . 15.88 12.47 -13.01
C9 FDA C . 14.48 12.63 -10.94
C9A FDA C . 13.52 12.11 -10.10
N10 FDA C . 13.13 12.78 -8.96
C10 FDA C . 12.17 12.22 -8.15
C1' FDA C . 13.72 14.08 -8.61
C2' FDA C . 12.79 15.21 -8.98
O2' FDA C . 12.43 15.09 -10.33
C3' FDA C . 13.42 16.57 -8.78
O3' FDA C . 13.84 16.64 -7.45
C4' FDA C . 12.47 17.70 -9.09
O4' FDA C . 11.91 17.51 -10.36
C5' FDA C . 13.20 19.05 -9.09
O5' FDA C . 12.32 20.11 -9.34
P FDA C . 12.90 21.52 -9.77
O1P FDA C . 13.95 21.83 -8.84
O2P FDA C . 11.76 22.39 -9.88
O3P FDA C . 13.53 21.19 -11.17
C1 COM D . 4.03 16.84 -10.60
C2 COM D . 4.62 18.17 -11.06
S1 COM D . 4.38 15.57 -11.84
S2 COM D . 4.37 19.43 -9.76
O1S COM D . 4.65 20.81 -10.29
O2S COM D . 2.91 19.53 -9.39
O3S COM D . 5.22 19.11 -8.55
H11 COM D . 4.43 16.58 -9.75
H12 COM D . 3.07 16.94 -10.49
H21 COM D . 4.19 18.45 -11.88
H22 COM D . 5.58 18.06 -11.22
HS1 COM D . 5.54 15.26 -11.79
MG MG E . 8.24 -14.58 2.70
PA FDA F . -11.85 -16.45 15.04
O1A FDA F . -10.73 -16.11 14.24
O2A FDA F . -12.97 -16.97 14.33
O5B FDA F . -11.34 -17.48 16.07
C5B FDA F . -12.20 -18.31 16.77
C4B FDA F . -11.44 -19.56 17.15
O4B FDA F . -12.11 -20.27 18.16
C3B FDA F . -11.32 -20.50 15.98
O3B FDA F . -9.95 -20.81 15.84
C2B FDA F . -12.11 -21.71 16.38
O2B FDA F . -11.50 -22.91 15.94
C1B FDA F . -12.07 -21.65 17.89
N9A FDA F . -13.18 -22.35 18.51
C8A FDA F . -14.48 -22.24 18.24
N7A FDA F . -15.21 -23.04 19.01
C5A FDA F . -14.37 -23.66 19.82
C6A FDA F . -14.48 -24.65 20.88
N6A FDA F . -15.66 -25.12 21.26
N1A FDA F . -13.36 -25.05 21.45
C2A FDA F . -12.19 -24.55 21.08
N3A FDA F . -12.02 -23.66 20.13
C4A FDA F . -13.05 -23.20 19.47
N1 FDA F . -10.98 -8.60 9.21
C2 FDA F . -10.06 -7.69 8.87
O2 FDA F . -9.66 -6.99 9.75
N3 FDA F . -9.61 -7.57 7.64
C4 FDA F . -10.02 -8.33 6.65
O4 FDA F . -9.60 -8.18 5.52
C4X FDA F . -11.04 -9.37 6.93
N5 FDA F . -11.55 -10.19 6.01
C5X FDA F . -12.46 -11.10 6.32
C6 FDA F . -12.96 -11.93 5.35
C7 FDA F . -13.91 -12.87 5.68
C7M FDA F . -14.45 -13.78 4.62
C8 FDA F . -14.40 -12.97 7.05
C8M FDA F . -15.43 -13.99 7.40
C9 FDA F . -13.91 -12.14 8.02
C9A FDA F . -12.95 -11.20 7.70
N10 FDA F . -12.44 -10.36 8.68
C10 FDA F . -11.49 -9.43 8.33
C1' FDA F . -12.88 -10.44 10.06
C2' FDA F . -11.92 -11.29 10.84
O2' FDA F . -11.67 -12.52 10.17
C3' FDA F . -12.49 -11.53 12.23
O3' FDA F . -12.89 -10.29 12.77
C4' FDA F . -11.47 -12.17 13.14
O4' FDA F . -10.86 -13.26 12.52
C5' FDA F . -12.11 -12.57 14.47
O5' FDA F . -11.17 -13.22 15.27
P FDA F . -11.60 -13.96 16.56
O1P FDA F . -10.52 -14.43 17.34
O2P FDA F . -12.60 -13.23 17.27
O3P FDA F . -12.35 -15.21 15.91
C1 COM G . -3.38 -13.61 11.28
C2 COM G . -3.80 -14.45 12.48
S1 COM G . -3.86 -14.45 9.74
S2 COM G . -3.31 -13.62 14.01
O1S COM G . -4.15 -12.39 14.27
O2S COM G . -3.63 -14.45 15.23
O3S COM G . -1.84 -13.27 13.97
H11 COM G . -3.82 -12.74 11.33
H12 COM G . -2.42 -13.48 11.29
H21 COM G . -3.37 -15.32 12.44
H22 COM G . -4.77 -14.56 12.47
HS1 COM G . -2.88 -14.79 9.15
MG MG H . -8.25 9.93 -13.58
#